data_6QUQ
#
_entry.id   6QUQ
#
_cell.length_a   77.365
_cell.length_b   77.365
_cell.length_c   406.814
_cell.angle_alpha   90.00
_cell.angle_beta   90.00
_cell.angle_gamma   120.00
#
_symmetry.space_group_name_H-M   'P 61 2 2'
#
loop_
_entity.id
_entity.type
_entity.pdbx_description
1 polymer 'Glyceraldehyde-3-phosphate dehydrogenase GAPC1, cytosolic'
2 non-polymer NICOTINAMIDE-ADENINE-DINUCLEOTIDE
3 non-polymer 'SULFATE ION'
4 non-polymer GLUTATHIONE
5 water water
#
_entity_poly.entity_id   1
_entity_poly.type   'polypeptide(L)'
_entity_poly.pdbx_seq_one_letter_code
;KIRIGINGFGRIGRLVARVVLQRDDVELVAVNDPFITTEYMTYMFKYDSVHGQWKHNELKIKDEKTLLFGEKPVTVFGIR
NPEDIPWAEAGADYVVESTGVFTDKDKAAAHLKGGAKKVVISAPSKDAPMFVVGVNEHEYKSDLDIVSNASCTTNCLAPL
AKVINDRFGIVEGLMTTVHSITATQKTVDGPSMKDWRGGRAASFNIIPSSTGAAKAVGKVLPALNGKLTGMSFRVPTVDV
SVVDLTVRLEKAATYDEIKKAIKEESEGKLKGILGYTEDDVVSTDFVGDNRSSIFDAKAGIALSDKFVKLVSWYDNEWGY
SSRVVDLIVHMSKA
;
_entity_poly.pdbx_strand_id   O,R
#
# COMPACT_ATOMS: atom_id res chain seq x y z
N ILE A 2 30.30 -8.66 18.20
CA ILE A 2 29.75 -9.42 17.09
C ILE A 2 29.25 -8.49 15.99
N ARG A 3 29.79 -8.71 14.79
CA ARG A 3 29.49 -7.88 13.63
C ARG A 3 28.29 -8.39 12.85
N ILE A 4 27.33 -7.49 12.58
CA ILE A 4 26.09 -7.84 11.90
C ILE A 4 25.87 -6.85 10.77
N GLY A 5 25.39 -7.38 9.65
CA GLY A 5 25.02 -6.56 8.51
C GLY A 5 23.64 -6.97 8.04
N ILE A 6 22.86 -6.00 7.57
CA ILE A 6 21.46 -6.21 7.24
C ILE A 6 21.26 -6.05 5.74
N ASN A 7 20.52 -6.99 5.15
CA ASN A 7 20.19 -7.02 3.73
C ASN A 7 18.72 -6.67 3.58
N GLY A 8 18.44 -5.46 3.10
CA GLY A 8 17.08 -4.99 3.00
C GLY A 8 16.69 -4.16 4.21
N PHE A 9 16.75 -2.85 4.04
CA PHE A 9 16.38 -1.92 5.12
C PHE A 9 14.89 -1.65 5.09
N GLY A 10 14.12 -2.72 5.23
CA GLY A 10 12.67 -2.65 5.23
C GLY A 10 12.13 -2.34 6.61
N ARG A 11 10.96 -2.89 6.91
CA ARG A 11 10.44 -2.76 8.27
C ARG A 11 11.30 -3.58 9.23
N ILE A 12 11.46 -4.88 8.94
CA ILE A 12 12.22 -5.76 9.82
C ILE A 12 13.68 -5.38 9.83
N GLY A 13 14.23 -5.02 8.67
CA GLY A 13 15.63 -4.65 8.62
C GLY A 13 15.95 -3.43 9.45
N ARG A 14 15.17 -2.36 9.28
CA ARG A 14 15.39 -1.13 10.05
C ARG A 14 15.18 -1.37 11.54
N LEU A 15 14.18 -2.16 11.91
CA LEU A 15 13.94 -2.34 13.33
C LEU A 15 14.98 -3.26 13.96
N VAL A 16 15.50 -4.23 13.21
CA VAL A 16 16.64 -5.02 13.70
C VAL A 16 17.85 -4.13 13.84
N ALA A 17 17.96 -3.12 12.98
CA ALA A 17 19.01 -2.12 13.14
C ALA A 17 18.83 -1.33 14.42
N ARG A 18 17.59 -0.94 14.74
CA ARG A 18 17.34 -0.24 16.00
C ARG A 18 17.81 -1.10 17.18
N VAL A 19 17.47 -2.39 17.14
CA VAL A 19 17.85 -3.28 18.24
C VAL A 19 19.36 -3.34 18.38
N VAL A 20 20.08 -3.61 17.27
CA VAL A 20 21.51 -3.84 17.38
C VAL A 20 22.25 -2.55 17.69
N LEU A 21 21.73 -1.41 17.20
CA LEU A 21 22.34 -0.13 17.50
C LEU A 21 22.19 0.23 18.98
N GLN A 22 21.09 -0.20 19.63
CA GLN A 22 21.02 0.12 21.05
C GLN A 22 21.61 -0.94 21.98
N ARG A 23 21.77 -2.19 21.57
CA ARG A 23 22.41 -3.06 22.54
C ARG A 23 23.93 -3.07 22.33
N ASP A 24 24.64 -3.51 23.37
CA ASP A 24 26.08 -3.36 23.42
C ASP A 24 26.86 -4.67 23.27
N ASP A 25 26.22 -5.82 23.37
CA ASP A 25 26.94 -7.07 23.12
C ASP A 25 27.19 -7.27 21.63
N VAL A 26 26.50 -6.50 20.79
CA VAL A 26 26.44 -6.63 19.34
C VAL A 26 26.81 -5.27 18.76
N GLU A 27 27.22 -5.28 17.49
CA GLU A 27 27.30 -4.02 16.76
C GLU A 27 26.90 -4.24 15.30
N LEU A 28 26.68 -3.12 14.61
CA LEU A 28 26.14 -3.07 13.25
C LEU A 28 27.24 -2.59 12.32
N VAL A 29 27.62 -3.46 11.38
CA VAL A 29 28.73 -3.18 10.48
C VAL A 29 28.29 -2.64 9.13
N ALA A 30 27.31 -3.25 8.46
CA ALA A 30 26.97 -2.78 7.13
C ALA A 30 25.48 -2.97 6.86
N VAL A 31 24.98 -2.24 5.86
CA VAL A 31 23.62 -2.39 5.38
C VAL A 31 23.66 -2.35 3.85
N ASN A 32 22.87 -3.21 3.21
CA ASN A 32 22.73 -3.24 1.76
C ASN A 32 21.27 -3.10 1.39
N ASP A 33 20.95 -2.08 0.57
CA ASP A 33 19.65 -1.99 -0.09
C ASP A 33 19.77 -1.22 -1.40
N PRO A 34 19.55 -1.88 -2.54
CA PRO A 34 19.66 -1.19 -3.83
C PRO A 34 18.60 -0.13 -4.09
N PHE A 35 17.45 -0.20 -3.41
CA PHE A 35 16.35 0.72 -3.69
C PHE A 35 16.42 1.96 -2.82
N ILE A 36 17.28 1.97 -1.81
CA ILE A 36 17.43 3.09 -0.89
C ILE A 36 18.82 3.68 -1.07
N THR A 37 18.89 5.00 -1.11
CA THR A 37 20.16 5.70 -1.13
C THR A 37 20.56 5.99 0.31
N THR A 38 21.87 6.07 0.55
CA THR A 38 22.36 6.06 1.93
C THR A 38 21.83 7.24 2.74
N GLU A 39 21.59 8.39 2.09
CA GLU A 39 20.87 9.48 2.76
C GLU A 39 19.40 9.10 3.03
N TYR A 40 18.82 8.33 2.11
CA TYR A 40 17.44 7.91 2.30
C TYR A 40 17.34 6.96 3.50
N MET A 41 18.39 6.16 3.73
CA MET A 41 18.39 5.31 4.92
C MET A 41 18.38 6.15 6.19
N THR A 42 19.06 7.30 6.17
CA THR A 42 19.03 8.16 7.34
C THR A 42 17.61 8.65 7.60
N TYR A 43 16.93 9.09 6.55
CA TYR A 43 15.56 9.56 6.73
C TYR A 43 14.66 8.42 7.22
N MET A 44 14.72 7.26 6.56
CA MET A 44 13.81 6.17 6.86
C MET A 44 14.10 5.52 8.21
N PHE A 45 15.36 5.41 8.60
CA PHE A 45 15.70 4.90 9.91
C PHE A 45 15.27 5.89 10.98
N LYS A 46 15.53 7.18 10.76
CA LYS A 46 15.25 8.19 11.77
C LYS A 46 13.76 8.29 12.07
N TYR A 47 12.94 8.33 11.02
CA TYR A 47 11.50 8.58 11.16
C TYR A 47 10.72 7.29 10.97
N ASP A 48 9.84 6.99 11.93
CA ASP A 48 9.05 5.77 11.95
C ASP A 48 7.62 6.09 12.36
N SER A 49 6.65 5.58 11.61
CA SER A 49 5.25 5.90 11.90
C SER A 49 4.72 5.11 13.09
N VAL A 50 5.35 4.00 13.43
CA VAL A 50 4.92 3.17 14.55
C VAL A 50 5.77 3.40 15.80
N HIS A 51 7.08 3.28 15.63
CA HIS A 51 8.00 3.22 16.76
C HIS A 51 8.66 4.55 17.06
N GLY A 52 8.37 5.58 16.26
CA GLY A 52 8.74 6.92 16.62
C GLY A 52 10.13 7.31 16.16
N GLN A 53 10.47 8.56 16.46
CA GLN A 53 11.80 9.05 16.17
C GLN A 53 12.82 8.33 17.06
N TRP A 54 14.07 8.41 16.65
CA TRP A 54 15.16 7.77 17.37
C TRP A 54 15.82 8.76 18.32
N LYS A 55 16.26 8.26 19.48
CA LYS A 55 16.71 9.10 20.58
C LYS A 55 18.21 9.04 20.78
N HIS A 56 18.96 8.75 19.73
CA HIS A 56 20.41 8.65 19.77
C HIS A 56 20.88 9.40 18.54
N ASN A 57 21.89 8.94 17.80
CA ASN A 57 22.07 9.61 16.51
C ASN A 57 22.87 8.78 15.51
N GLU A 58 22.46 8.91 14.24
CA GLU A 58 23.13 8.31 13.09
C GLU A 58 22.96 9.27 11.93
N LEU A 59 24.07 9.61 11.27
CA LEU A 59 24.15 10.64 10.23
C LEU A 59 24.97 10.14 9.06
N LYS A 60 25.03 10.92 7.99
CA LYS A 60 25.86 10.62 6.82
C LYS A 60 27.25 11.22 7.01
N ILE A 61 28.29 10.51 6.55
CA ILE A 61 29.65 11.04 6.53
C ILE A 61 30.15 11.31 5.11
N LYS A 62 30.11 10.29 4.25
CA LYS A 62 30.77 10.37 2.95
C LYS A 62 29.73 10.05 1.90
N ASP A 63 29.88 10.69 0.74
CA ASP A 63 28.89 10.80 -0.33
C ASP A 63 27.90 9.64 -0.43
N GLU A 64 28.37 8.40 -0.49
CA GLU A 64 27.44 7.29 -0.53
C GLU A 64 27.86 6.09 0.32
N LYS A 65 29.00 6.12 0.99
CA LYS A 65 29.53 4.86 1.50
C LYS A 65 29.38 4.64 3.00
N THR A 66 29.35 5.69 3.82
CA THR A 66 29.23 5.50 5.27
C THR A 66 28.26 6.44 5.98
N LEU A 67 27.69 5.90 7.05
CA LEU A 67 26.90 6.60 8.05
C LEU A 67 27.70 6.56 9.36
N LEU A 68 27.39 7.43 10.31
CA LEU A 68 28.02 7.37 11.63
C LEU A 68 26.96 7.40 12.71
N PHE A 69 26.89 6.34 13.51
CA PHE A 69 26.05 6.29 14.70
C PHE A 69 26.97 6.57 15.87
N GLY A 70 26.88 7.78 16.40
CA GLY A 70 28.02 8.26 17.14
C GLY A 70 29.14 8.42 16.13
N GLU A 71 30.22 7.65 16.27
CA GLU A 71 31.34 7.62 15.34
C GLU A 71 31.72 6.22 14.87
N LYS A 72 30.75 5.33 14.67
CA LYS A 72 31.09 4.03 14.05
C LYS A 72 30.59 3.83 12.61
N PRO A 73 31.49 3.32 11.73
CA PRO A 73 31.23 3.15 10.29
C PRO A 73 29.85 2.79 9.75
N VAL A 74 29.49 1.51 9.66
CA VAL A 74 28.30 1.12 8.90
C VAL A 74 28.49 1.56 7.45
N THR A 75 28.93 0.64 6.59
CA THR A 75 29.14 0.95 5.19
C THR A 75 27.91 0.50 4.40
N VAL A 76 27.55 1.28 3.39
CA VAL A 76 26.23 1.18 2.77
C VAL A 76 26.38 0.69 1.34
N PHE A 77 25.61 -0.34 1.00
CA PHE A 77 25.67 -1.02 -0.29
C PHE A 77 24.34 -0.90 -1.02
N GLY A 78 24.40 -0.58 -2.31
CA GLY A 78 23.25 -0.65 -3.18
C GLY A 78 23.40 -1.71 -4.24
N ILE A 79 23.47 -2.97 -3.82
CA ILE A 79 23.79 -4.10 -4.69
C ILE A 79 22.52 -4.93 -4.86
N ARG A 80 22.15 -5.19 -6.11
CA ARG A 80 20.87 -5.84 -6.38
C ARG A 80 20.83 -7.28 -5.90
N ASN A 81 21.86 -8.06 -6.21
CA ASN A 81 21.81 -9.46 -5.86
C ASN A 81 22.87 -9.83 -4.84
N PRO A 82 22.64 -10.85 -4.00
CA PRO A 82 23.48 -11.01 -2.80
C PRO A 82 24.92 -11.45 -2.97
N GLU A 83 25.24 -12.41 -3.85
CA GLU A 83 26.61 -12.94 -3.82
C GLU A 83 27.60 -11.82 -4.14
N ASP A 84 27.10 -10.70 -4.66
CA ASP A 84 27.87 -9.50 -4.92
C ASP A 84 28.09 -8.59 -3.70
N ILE A 85 27.58 -8.91 -2.52
CA ILE A 85 27.73 -8.01 -1.35
C ILE A 85 28.98 -8.42 -0.62
N PRO A 86 29.99 -7.54 -0.51
CA PRO A 86 31.28 -7.91 0.08
C PRO A 86 31.28 -7.81 1.59
N TRP A 87 30.53 -8.73 2.23
CA TRP A 87 30.40 -8.68 3.68
C TRP A 87 31.75 -8.83 4.37
N ALA A 88 32.72 -9.45 3.69
CA ALA A 88 34.05 -9.56 4.27
C ALA A 88 34.80 -8.25 4.14
N GLU A 89 34.57 -7.51 3.06
CA GLU A 89 35.38 -6.34 2.75
C GLU A 89 35.11 -5.17 3.69
N ALA A 90 33.95 -5.15 4.34
CA ALA A 90 33.74 -4.38 5.56
C ALA A 90 33.63 -5.24 6.81
N GLY A 91 33.95 -6.54 6.71
CA GLY A 91 33.93 -7.39 7.88
C GLY A 91 32.60 -7.51 8.60
N ALA A 92 31.62 -8.12 7.97
CA ALA A 92 30.31 -8.39 8.56
C ALA A 92 30.14 -9.91 8.66
N ASP A 93 30.27 -10.44 9.87
CA ASP A 93 30.22 -11.88 10.07
C ASP A 93 28.81 -12.45 9.99
N TYR A 94 27.82 -11.77 10.54
CA TYR A 94 26.45 -12.28 10.63
C TYR A 94 25.54 -11.43 9.77
N VAL A 95 24.79 -12.06 8.86
CA VAL A 95 23.94 -11.31 7.94
C VAL A 95 22.46 -11.55 8.21
N VAL A 96 21.72 -10.47 8.30
CA VAL A 96 20.25 -10.47 8.36
C VAL A 96 19.74 -10.48 6.92
N GLU A 97 19.04 -11.53 6.53
CA GLU A 97 18.38 -11.53 5.24
C GLU A 97 16.94 -11.08 5.43
N SER A 98 16.71 -9.76 5.29
CA SER A 98 15.41 -9.14 5.56
C SER A 98 14.71 -8.69 4.28
N THR A 99 15.22 -9.08 3.11
CA THR A 99 14.62 -8.58 1.87
C THR A 99 13.27 -9.25 1.62
N GLY A 100 13.12 -10.50 2.06
CA GLY A 100 11.91 -11.26 1.82
C GLY A 100 11.90 -12.03 0.52
N VAL A 101 12.81 -11.70 -0.39
CA VAL A 101 12.86 -12.39 -1.67
C VAL A 101 13.76 -13.63 -1.63
N PHE A 102 14.78 -13.65 -0.76
CA PHE A 102 15.69 -14.80 -0.68
C PHE A 102 15.37 -15.59 0.58
N THR A 103 14.30 -16.37 0.55
CA THR A 103 14.04 -17.27 1.66
C THR A 103 14.81 -18.57 1.52
N ASP A 104 15.09 -19.00 0.30
CA ASP A 104 15.53 -20.36 0.10
C ASP A 104 16.98 -20.47 0.56
N LYS A 105 17.33 -21.62 1.13
CA LYS A 105 18.66 -21.82 1.67
C LYS A 105 19.75 -21.46 0.67
N ASP A 106 19.64 -22.01 -0.55
CA ASP A 106 20.67 -21.79 -1.55
C ASP A 106 20.68 -20.33 -2.02
N LYS A 107 19.52 -19.65 -1.95
CA LYS A 107 19.48 -18.28 -2.45
C LYS A 107 20.06 -17.30 -1.45
N ALA A 108 19.89 -17.59 -0.16
CA ALA A 108 20.56 -16.80 0.87
C ALA A 108 22.01 -17.22 1.04
N ALA A 109 22.42 -18.37 0.50
CA ALA A 109 23.82 -18.79 0.58
C ALA A 109 24.74 -17.81 -0.13
N ALA A 110 24.19 -16.90 -0.94
CA ALA A 110 24.99 -15.91 -1.65
C ALA A 110 25.79 -15.04 -0.70
N HIS A 111 25.41 -14.96 0.58
CA HIS A 111 26.14 -14.12 1.51
C HIS A 111 27.43 -14.79 1.96
N LEU A 112 27.47 -16.13 1.98
CA LEU A 112 28.72 -16.82 2.32
C LEU A 112 29.76 -16.58 1.24
N LYS A 113 29.33 -16.37 0.00
CA LYS A 113 30.24 -15.97 -1.06
C LYS A 113 30.57 -14.49 -1.00
N GLY A 114 29.73 -13.71 -0.31
CA GLY A 114 30.13 -12.38 0.09
C GLY A 114 31.18 -12.35 1.16
N GLY A 115 31.61 -13.52 1.63
CA GLY A 115 32.50 -13.62 2.76
C GLY A 115 31.78 -13.27 4.05
N ALA A 116 30.71 -14.02 4.33
CA ALA A 116 29.94 -13.86 5.56
C ALA A 116 29.83 -15.23 6.18
N LYS A 117 30.12 -15.33 7.47
CA LYS A 117 30.25 -16.64 8.08
C LYS A 117 28.89 -17.26 8.38
N LYS A 118 27.88 -16.45 8.68
CA LYS A 118 26.57 -16.99 9.03
C LYS A 118 25.47 -16.07 8.53
N VAL A 119 24.33 -16.68 8.23
CA VAL A 119 23.17 -15.99 7.67
C VAL A 119 21.91 -16.38 8.42
N VAL A 120 21.09 -15.39 8.76
CA VAL A 120 19.83 -15.56 9.47
C VAL A 120 18.72 -15.05 8.57
N ILE A 121 17.71 -15.89 8.32
CA ILE A 121 16.60 -15.51 7.45
C ILE A 121 15.54 -14.84 8.30
N SER A 122 15.24 -13.57 7.98
CA SER A 122 14.15 -12.82 8.59
C SER A 122 12.75 -13.33 8.28
N ALA A 123 12.59 -14.64 8.11
CA ALA A 123 11.32 -15.21 7.68
C ALA A 123 11.37 -16.73 7.80
N PRO A 124 10.25 -17.42 7.63
CA PRO A 124 10.33 -18.87 7.43
C PRO A 124 10.97 -19.16 6.08
N SER A 125 11.49 -20.38 5.96
CA SER A 125 12.07 -20.84 4.71
C SER A 125 11.67 -22.29 4.48
N LYS A 126 11.60 -22.66 3.20
CA LYS A 126 11.22 -24.02 2.85
C LYS A 126 12.31 -25.02 3.22
N ASP A 127 13.58 -24.60 3.10
CA ASP A 127 14.70 -25.50 3.26
C ASP A 127 15.81 -24.88 4.11
N ALA A 128 15.46 -24.37 5.29
CA ALA A 128 16.47 -23.85 6.20
C ALA A 128 16.07 -24.21 7.62
N PRO A 129 17.01 -24.52 8.50
CA PRO A 129 16.61 -24.95 9.84
C PRO A 129 15.93 -23.80 10.55
N MET A 130 14.91 -24.13 11.32
CA MET A 130 14.02 -23.14 11.90
C MET A 130 14.18 -23.16 13.41
N PHE A 131 14.36 -21.98 13.98
CA PHE A 131 14.53 -21.85 15.42
C PHE A 131 13.65 -20.75 15.94
N VAL A 132 12.96 -21.02 17.03
CA VAL A 132 12.18 -20.03 17.76
C VAL A 132 12.87 -19.90 19.11
N VAL A 133 13.57 -18.78 19.32
CA VAL A 133 14.32 -18.58 20.55
C VAL A 133 13.41 -18.79 21.74
N GLY A 134 13.92 -19.51 22.75
CA GLY A 134 13.16 -19.86 23.92
C GLY A 134 12.45 -21.20 23.88
N VAL A 135 12.36 -21.83 22.70
CA VAL A 135 11.74 -23.14 22.57
C VAL A 135 12.62 -24.16 21.84
N ASN A 136 13.52 -23.70 20.96
CA ASN A 136 14.43 -24.67 20.34
C ASN A 136 15.75 -24.04 19.86
N GLU A 137 16.08 -22.83 20.31
CA GLU A 137 17.34 -22.20 19.94
C GLU A 137 18.55 -23.05 20.29
N HIS A 138 18.40 -24.02 21.19
CA HIS A 138 19.52 -24.80 21.69
C HIS A 138 19.98 -25.89 20.72
N GLU A 139 19.19 -26.21 19.70
CA GLU A 139 19.55 -27.22 18.72
C GLU A 139 20.34 -26.66 17.54
N TYR A 140 20.78 -25.41 17.62
CA TYR A 140 21.67 -24.89 16.61
C TYR A 140 23.05 -25.52 16.76
N LYS A 141 23.69 -25.75 15.64
CA LYS A 141 25.05 -26.26 15.59
C LYS A 141 25.85 -25.27 14.76
N SER A 142 27.13 -25.12 15.10
CA SER A 142 27.88 -24.06 14.46
C SER A 142 28.47 -24.49 13.14
N ASP A 143 28.21 -25.74 12.71
CA ASP A 143 28.45 -26.12 11.32
C ASP A 143 27.39 -25.56 10.40
N LEU A 144 26.15 -25.42 10.87
CA LEU A 144 25.05 -24.98 10.02
C LEU A 144 25.36 -23.55 9.58
N ASP A 145 25.55 -23.36 8.28
CA ASP A 145 25.98 -22.08 7.74
C ASP A 145 24.87 -21.04 7.73
N ILE A 146 23.64 -21.46 7.39
CA ILE A 146 22.59 -20.50 7.09
C ILE A 146 21.29 -20.96 7.72
N VAL A 147 20.49 -20.00 8.17
CA VAL A 147 19.37 -20.32 9.04
C VAL A 147 18.20 -19.35 8.91
N SER A 148 17.07 -19.74 9.53
CA SER A 148 15.84 -18.96 9.60
C SER A 148 15.31 -18.87 11.02
N ASN A 149 14.82 -17.68 11.37
CA ASN A 149 14.19 -17.42 12.67
C ASN A 149 12.67 -17.60 12.64
N ALA A 150 12.12 -18.18 11.57
CA ALA A 150 10.68 -18.43 11.44
C ALA A 150 9.94 -17.10 11.29
N SER A 151 8.64 -17.09 11.55
CA SER A 151 7.82 -15.90 11.37
C SER A 151 7.38 -15.36 12.74
N CYS A 152 6.94 -14.10 12.73
CA CYS A 152 6.33 -13.51 13.91
C CYS A 152 5.27 -14.44 14.49
N THR A 153 4.38 -14.96 13.63
CA THR A 153 3.28 -15.79 14.11
C THR A 153 3.80 -17.08 14.74
N THR A 154 4.83 -17.69 14.13
CA THR A 154 5.46 -18.87 14.73
C THR A 154 6.06 -18.53 16.08
N ASN A 155 6.79 -17.41 16.15
CA ASN A 155 7.45 -17.03 17.39
C ASN A 155 6.45 -16.72 18.50
N CYS A 156 5.23 -16.32 18.14
CA CYS A 156 4.20 -16.10 19.17
C CYS A 156 3.50 -17.40 19.55
N LEU A 157 3.20 -18.24 18.57
CA LEU A 157 2.47 -19.48 18.86
C LEU A 157 3.33 -20.48 19.61
N ALA A 158 4.56 -20.68 19.17
CA ALA A 158 5.36 -21.80 19.65
C ALA A 158 5.64 -21.77 21.16
N PRO A 159 5.96 -20.63 21.80
CA PRO A 159 6.07 -20.68 23.26
C PRO A 159 4.77 -21.08 23.95
N LEU A 160 3.63 -20.53 23.50
CA LEU A 160 2.37 -20.87 24.13
C LEU A 160 2.00 -22.32 23.89
N ALA A 161 2.23 -22.80 22.65
CA ALA A 161 1.94 -24.20 22.36
C ALA A 161 2.86 -25.11 23.16
N LYS A 162 4.12 -24.72 23.34
CA LYS A 162 5.04 -25.56 24.09
C LYS A 162 4.60 -25.67 25.55
N VAL A 163 4.17 -24.56 26.14
CA VAL A 163 3.77 -24.62 27.54
C VAL A 163 2.49 -25.43 27.71
N ILE A 164 1.52 -25.20 26.84
CA ILE A 164 0.23 -25.87 26.95
C ILE A 164 0.40 -27.37 26.74
N ASN A 165 1.15 -27.76 25.71
CA ASN A 165 1.41 -29.18 25.49
C ASN A 165 2.25 -29.76 26.62
N ASP A 166 3.29 -29.04 27.04
CA ASP A 166 4.23 -29.56 28.03
C ASP A 166 3.57 -29.84 29.37
N ARG A 167 2.44 -29.20 29.66
CA ARG A 167 1.80 -29.50 30.93
C ARG A 167 0.45 -30.19 30.83
N PHE A 168 -0.24 -30.09 29.71
CA PHE A 168 -1.51 -30.79 29.57
C PHE A 168 -1.62 -31.60 28.29
N GLY A 169 -0.72 -31.42 27.34
CA GLY A 169 -0.75 -32.15 26.09
C GLY A 169 -1.91 -31.67 25.24
N ILE A 170 -1.65 -31.28 24.00
CA ILE A 170 -2.71 -30.85 23.09
C ILE A 170 -2.91 -31.97 22.08
N VAL A 171 -4.17 -32.37 21.91
CA VAL A 171 -4.50 -33.40 20.94
C VAL A 171 -4.51 -32.82 19.53
N GLU A 172 -5.36 -31.82 19.31
CA GLU A 172 -5.48 -31.19 18.01
C GLU A 172 -5.64 -29.69 18.22
N GLY A 173 -5.13 -28.92 17.28
CA GLY A 173 -5.29 -27.50 17.38
C GLY A 173 -5.63 -26.80 16.08
N LEU A 174 -6.47 -25.79 16.17
CA LEU A 174 -6.77 -24.90 15.06
C LEU A 174 -6.48 -23.49 15.54
N MET A 175 -5.74 -22.73 14.73
CA MET A 175 -5.28 -21.42 15.13
C MET A 175 -5.80 -20.36 14.17
N THR A 176 -6.17 -19.21 14.71
CA THR A 176 -6.44 -18.03 13.93
C THR A 176 -5.57 -16.90 14.44
N THR A 177 -5.11 -16.04 13.53
CA THR A 177 -4.41 -14.83 13.93
C THR A 177 -5.07 -13.62 13.30
N VAL A 178 -5.37 -12.63 14.12
CA VAL A 178 -5.84 -11.34 13.64
C VAL A 178 -4.61 -10.46 13.52
N HIS A 179 -4.26 -10.10 12.28
CA HIS A 179 -2.92 -9.64 11.97
C HIS A 179 -2.95 -8.26 11.34
N SER A 180 -1.96 -7.46 11.70
CA SER A 180 -1.80 -6.13 11.12
C SER A 180 -1.33 -6.25 9.67
N ILE A 181 -1.53 -5.16 8.91
CA ILE A 181 -1.12 -5.15 7.52
C ILE A 181 0.39 -4.99 7.43
N THR A 182 0.95 -5.46 6.32
CA THR A 182 2.39 -5.48 6.10
C THR A 182 2.68 -4.86 4.74
N ALA A 183 3.96 -4.81 4.40
CA ALA A 183 4.37 -4.14 3.16
C ALA A 183 3.86 -4.85 1.91
N THR A 184 3.45 -6.11 2.04
CA THR A 184 3.02 -6.89 0.88
C THR A 184 1.58 -6.62 0.49
N GLN A 185 0.84 -5.81 1.24
CA GLN A 185 -0.55 -5.52 0.91
C GLN A 185 -0.61 -4.22 0.11
N LYS A 186 -1.81 -3.85 -0.33
CA LYS A 186 -1.96 -2.74 -1.27
C LYS A 186 -2.77 -1.60 -0.69
N THR A 187 -2.36 -0.39 -1.08
CA THR A 187 -3.09 0.82 -0.69
C THR A 187 -4.53 0.76 -1.15
N VAL A 188 -4.75 0.33 -2.38
CA VAL A 188 -6.05 0.24 -3.02
C VAL A 188 -6.06 -1.04 -3.83
N ASP A 189 -7.22 -1.38 -4.39
CA ASP A 189 -7.37 -2.67 -5.04
C ASP A 189 -6.44 -2.74 -6.25
N GLY A 190 -5.54 -3.71 -6.25
CA GLY A 190 -4.49 -3.78 -7.22
C GLY A 190 -4.04 -5.22 -7.48
N PRO A 191 -3.06 -5.40 -8.37
CA PRO A 191 -2.65 -6.76 -8.74
C PRO A 191 -1.82 -7.39 -7.64
N SER A 192 -2.26 -8.56 -7.18
CA SER A 192 -1.43 -9.43 -6.33
C SER A 192 -1.81 -10.85 -6.73
N MET A 193 -1.21 -11.32 -7.83
CA MET A 193 -1.60 -12.60 -8.41
C MET A 193 -1.24 -13.76 -7.49
N LYS A 194 -0.34 -13.53 -6.54
CA LYS A 194 0.11 -14.60 -5.66
C LYS A 194 -0.83 -14.75 -4.48
N ASP A 195 -1.55 -13.69 -4.13
CA ASP A 195 -2.62 -13.72 -3.14
C ASP A 195 -3.71 -12.78 -3.64
N TRP A 196 -4.80 -13.34 -4.19
CA TRP A 196 -5.80 -12.49 -4.81
C TRP A 196 -6.46 -11.56 -3.79
N ARG A 197 -6.74 -12.06 -2.59
CA ARG A 197 -7.29 -11.19 -1.56
C ARG A 197 -6.25 -10.24 -0.97
N GLY A 198 -4.96 -10.48 -1.22
CA GLY A 198 -3.93 -9.59 -0.72
C GLY A 198 -3.79 -8.30 -1.49
N GLY A 199 -4.34 -8.24 -2.71
CA GLY A 199 -4.32 -7.02 -3.49
C GLY A 199 -5.41 -6.05 -3.13
N ARG A 200 -6.42 -6.50 -2.40
CA ARG A 200 -7.54 -5.66 -2.03
C ARG A 200 -7.11 -4.61 -1.02
N ALA A 201 -7.80 -3.46 -1.05
CA ALA A 201 -7.42 -2.33 -0.21
C ALA A 201 -7.27 -2.76 1.24
N ALA A 202 -6.04 -2.64 1.76
CA ALA A 202 -5.70 -3.25 3.04
C ALA A 202 -6.44 -2.59 4.19
N SER A 203 -6.53 -1.27 4.18
CA SER A 203 -6.98 -0.50 5.34
C SER A 203 -8.50 -0.39 5.46
N PHE A 204 -9.24 -0.95 4.52
CA PHE A 204 -10.69 -0.86 4.52
C PHE A 204 -11.31 -2.25 4.51
N ASN A 205 -10.52 -3.26 4.88
CA ASN A 205 -10.95 -4.63 4.71
C ASN A 205 -10.53 -5.56 5.83
N ILE A 206 -11.36 -6.56 6.04
CA ILE A 206 -10.98 -7.78 6.75
C ILE A 206 -10.60 -8.79 5.68
N ILE A 207 -9.31 -9.08 5.57
CA ILE A 207 -8.81 -9.85 4.44
C ILE A 207 -8.42 -11.24 4.94
N PRO A 208 -9.07 -12.29 4.49
CA PRO A 208 -8.62 -13.65 4.82
C PRO A 208 -7.28 -13.92 4.19
N SER A 209 -6.35 -14.50 4.96
CA SER A 209 -5.04 -14.77 4.42
C SER A 209 -4.45 -16.05 5.02
N SER A 210 -3.23 -16.34 4.57
CA SER A 210 -2.55 -17.62 4.70
C SER A 210 -1.60 -17.60 5.89
N THR A 211 -1.50 -18.73 6.60
CA THR A 211 -0.33 -18.88 7.45
C THR A 211 0.16 -20.31 7.52
N GLY A 212 1.47 -20.47 7.41
CA GLY A 212 2.18 -21.72 7.66
C GLY A 212 2.60 -21.92 9.09
N ALA A 213 2.46 -20.88 9.93
CA ALA A 213 2.96 -20.90 11.30
C ALA A 213 2.46 -22.09 12.09
N ALA A 214 1.22 -22.50 11.85
CA ALA A 214 0.63 -23.56 12.65
C ALA A 214 1.23 -24.90 12.24
N LYS A 215 1.36 -25.13 10.94
CA LYS A 215 2.09 -26.29 10.46
C LYS A 215 3.57 -26.19 10.83
N ALA A 216 4.10 -24.97 10.88
CA ALA A 216 5.51 -24.74 11.19
C ALA A 216 5.88 -25.13 12.61
N VAL A 217 4.95 -25.02 13.57
CA VAL A 217 5.27 -25.33 14.97
C VAL A 217 5.93 -26.71 15.07
N GLY A 218 5.37 -27.71 14.38
CA GLY A 218 5.95 -29.04 14.40
C GLY A 218 7.36 -29.13 13.84
N LYS A 219 7.69 -28.32 12.83
CA LYS A 219 9.04 -28.32 12.29
C LYS A 219 10.08 -27.88 13.32
N VAL A 220 9.67 -27.20 14.39
CA VAL A 220 10.57 -26.89 15.50
C VAL A 220 10.13 -27.55 16.79
N LEU A 221 8.92 -28.13 16.84
CA LEU A 221 8.40 -28.82 18.01
C LEU A 221 7.89 -30.18 17.55
N PRO A 222 8.79 -31.11 17.25
CA PRO A 222 8.37 -32.37 16.60
C PRO A 222 7.32 -33.16 17.38
N ALA A 223 7.06 -32.81 18.65
CA ALA A 223 6.05 -33.51 19.44
C ALA A 223 4.63 -33.30 18.89
N LEU A 224 4.33 -32.10 18.37
CA LEU A 224 3.01 -31.74 17.88
C LEU A 224 2.92 -31.72 16.36
N ASN A 225 3.88 -32.31 15.66
CA ASN A 225 3.86 -32.31 14.20
C ASN A 225 2.51 -32.82 13.71
N GLY A 226 1.87 -32.02 12.85
CA GLY A 226 0.58 -32.39 12.33
C GLY A 226 -0.57 -32.33 13.32
N LYS A 227 -0.42 -31.56 14.41
CA LYS A 227 -1.46 -31.44 15.43
C LYS A 227 -2.06 -30.04 15.49
N LEU A 228 -1.63 -29.15 14.60
CA LEU A 228 -2.13 -27.78 14.55
C LEU A 228 -2.17 -27.36 13.08
N THR A 229 -3.15 -26.52 12.74
CA THR A 229 -3.15 -25.81 11.48
C THR A 229 -4.03 -24.57 11.65
N GLY A 230 -3.89 -23.61 10.74
CA GLY A 230 -4.69 -22.43 10.93
C GLY A 230 -4.78 -21.51 9.73
N MET A 231 -5.35 -20.34 9.97
CA MET A 231 -5.58 -19.32 8.96
C MET A 231 -5.25 -17.96 9.55
N SER A 232 -5.39 -16.91 8.74
CA SER A 232 -5.16 -15.54 9.22
C SER A 232 -6.29 -14.61 8.77
N PHE A 233 -6.32 -13.46 9.43
CA PHE A 233 -7.19 -12.34 9.07
C PHE A 233 -6.38 -11.06 9.21
N ARG A 234 -6.13 -10.40 8.08
CA ARG A 234 -5.45 -9.12 8.09
C ARG A 234 -6.47 -8.00 8.28
N VAL A 235 -6.15 -7.06 9.15
CA VAL A 235 -7.10 -6.00 9.53
C VAL A 235 -6.37 -4.67 9.57
N PRO A 236 -7.12 -3.56 9.44
CA PRO A 236 -6.49 -2.24 9.18
C PRO A 236 -5.82 -1.63 10.41
N THR A 237 -4.71 -2.22 10.83
CA THR A 237 -3.87 -1.65 11.87
C THR A 237 -2.43 -1.58 11.37
N VAL A 238 -1.66 -0.64 11.91
CA VAL A 238 -0.28 -0.48 11.47
C VAL A 238 0.57 -1.66 11.92
N ASP A 239 0.42 -2.05 13.18
CA ASP A 239 1.29 -3.07 13.77
C ASP A 239 0.56 -3.69 14.95
N VAL A 240 1.07 -4.85 15.38
CA VAL A 240 0.61 -5.66 16.50
C VAL A 240 -0.48 -6.61 16.02
N SER A 241 -0.36 -7.88 16.42
CA SER A 241 -1.25 -8.94 15.98
C SER A 241 -1.50 -9.86 17.17
N VAL A 242 -2.51 -10.71 17.03
CA VAL A 242 -2.92 -11.59 18.12
C VAL A 242 -3.21 -12.97 17.54
N VAL A 243 -2.91 -14.00 18.32
CA VAL A 243 -3.17 -15.38 17.97
C VAL A 243 -4.36 -15.85 18.79
N ASP A 244 -5.30 -16.50 18.10
CA ASP A 244 -6.52 -17.06 18.65
C ASP A 244 -6.34 -18.57 18.49
N LEU A 245 -6.06 -19.27 19.57
CA LEU A 245 -5.70 -20.68 19.51
C LEU A 245 -6.80 -21.50 20.15
N THR A 246 -7.21 -22.54 19.45
CA THR A 246 -8.32 -23.40 19.84
C THR A 246 -7.75 -24.79 20.04
N VAL A 247 -7.77 -25.29 21.27
CA VAL A 247 -7.09 -26.54 21.55
C VAL A 247 -7.97 -27.51 22.31
N ARG A 248 -7.71 -28.79 22.02
CA ARG A 248 -8.23 -29.93 22.73
C ARG A 248 -7.11 -30.42 23.63
N LEU A 249 -7.45 -30.76 24.87
CA LEU A 249 -6.43 -31.05 25.87
C LEU A 249 -6.43 -32.55 26.18
N GLU A 250 -5.24 -33.14 26.17
CA GLU A 250 -5.10 -34.54 26.59
C GLU A 250 -5.38 -34.69 28.08
N LYS A 251 -4.90 -33.74 28.88
CA LYS A 251 -5.07 -33.76 30.33
C LYS A 251 -6.03 -32.65 30.72
N ALA A 252 -7.14 -33.01 31.35
CA ALA A 252 -8.14 -32.01 31.70
C ALA A 252 -7.57 -31.02 32.69
N ALA A 253 -7.90 -29.74 32.49
CA ALA A 253 -7.43 -28.67 33.36
C ALA A 253 -8.52 -27.62 33.43
N THR A 254 -8.43 -26.74 34.43
CA THR A 254 -9.36 -25.63 34.50
C THR A 254 -8.64 -24.36 34.05
N TYR A 255 -9.44 -23.40 33.58
CA TYR A 255 -8.87 -22.20 32.98
C TYR A 255 -7.92 -21.48 33.94
N ASP A 256 -8.31 -21.35 35.21
CA ASP A 256 -7.43 -20.69 36.18
C ASP A 256 -6.12 -21.44 36.35
N GLU A 257 -6.17 -22.77 36.29
CA GLU A 257 -4.94 -23.56 36.34
C GLU A 257 -4.07 -23.29 35.13
N ILE A 258 -4.69 -23.18 33.96
CA ILE A 258 -3.94 -22.83 32.75
C ILE A 258 -3.31 -21.44 32.91
N LYS A 259 -4.06 -20.52 33.52
CA LYS A 259 -3.56 -19.17 33.76
C LYS A 259 -2.31 -19.21 34.63
N LYS A 260 -2.36 -19.96 35.74
CA LYS A 260 -1.19 -20.00 36.61
C LYS A 260 -0.03 -20.76 35.98
N ALA A 261 -0.30 -21.77 35.15
CA ALA A 261 0.81 -22.44 34.48
C ALA A 261 1.54 -21.50 33.53
N ILE A 262 0.78 -20.74 32.75
CA ILE A 262 1.40 -19.77 31.85
C ILE A 262 2.07 -18.66 32.65
N LYS A 263 1.49 -18.26 33.79
CA LYS A 263 2.12 -17.27 34.66
C LYS A 263 3.44 -17.79 35.21
N GLU A 264 3.47 -19.05 35.65
CA GLU A 264 4.69 -19.70 36.08
C GLU A 264 5.78 -19.59 35.02
N GLU A 265 5.48 -20.06 33.81
CA GLU A 265 6.49 -20.02 32.76
C GLU A 265 6.85 -18.57 32.38
N SER A 266 5.87 -17.66 32.38
CA SER A 266 6.17 -16.23 32.27
C SER A 266 7.27 -15.82 33.22
N GLU A 267 7.09 -16.13 34.49
CA GLU A 267 8.06 -15.69 35.49
C GLU A 267 9.35 -16.48 35.42
N GLY A 268 9.33 -17.70 34.87
CA GLY A 268 10.48 -18.60 34.94
C GLY A 268 11.37 -18.64 33.70
N LYS A 269 11.67 -19.82 33.11
CA LYS A 269 12.65 -19.83 32.01
C LYS A 269 12.10 -19.17 30.74
N LEU A 270 10.81 -18.88 30.65
CA LEU A 270 10.30 -18.32 29.39
C LEU A 270 10.19 -16.81 29.50
N LYS A 271 10.75 -16.24 30.56
CA LYS A 271 10.68 -14.81 30.83
C LYS A 271 11.32 -14.02 29.70
N GLY A 272 10.65 -12.96 29.28
CA GLY A 272 11.10 -12.16 28.16
C GLY A 272 10.75 -12.74 26.81
N ILE A 273 10.27 -13.98 26.77
CA ILE A 273 9.74 -14.59 25.56
C ILE A 273 8.24 -14.75 25.64
N LEU A 274 7.73 -15.23 26.79
CA LEU A 274 6.32 -15.42 27.03
C LEU A 274 5.93 -14.57 28.23
N GLY A 275 5.02 -13.61 28.01
CA GLY A 275 4.56 -12.74 29.05
C GLY A 275 3.13 -13.09 29.43
N TYR A 276 2.65 -12.44 30.47
CA TYR A 276 1.34 -12.78 31.00
C TYR A 276 0.70 -11.51 31.53
N THR A 277 -0.56 -11.29 31.16
CA THR A 277 -1.28 -10.13 31.66
C THR A 277 -2.72 -10.52 31.96
N GLU A 278 -3.28 -9.87 32.98
CA GLU A 278 -4.68 -9.95 33.32
C GLU A 278 -5.31 -8.57 33.20
N ASP A 279 -4.82 -7.79 32.26
CA ASP A 279 -5.26 -6.42 32.02
C ASP A 279 -6.18 -6.38 30.82
N ASP A 280 -6.93 -5.29 30.72
CA ASP A 280 -7.85 -5.07 29.61
C ASP A 280 -7.07 -4.50 28.44
N VAL A 281 -6.07 -5.28 28.01
CA VAL A 281 -5.13 -4.81 27.01
C VAL A 281 -5.83 -4.62 25.68
N VAL A 282 -5.16 -3.89 24.81
CA VAL A 282 -5.60 -3.65 23.45
C VAL A 282 -4.36 -3.73 22.57
N SER A 283 -4.56 -3.83 21.25
CA SER A 283 -3.44 -3.89 20.31
C SER A 283 -2.41 -2.78 20.60
N THR A 284 -2.84 -1.51 20.70
CA THR A 284 -1.91 -0.41 20.97
C THR A 284 -1.00 -0.69 22.15
N ASP A 285 -1.48 -1.46 23.13
CA ASP A 285 -0.71 -1.61 24.36
C ASP A 285 0.56 -2.43 24.14
N PHE A 286 0.73 -2.99 22.94
CA PHE A 286 1.89 -3.84 22.66
C PHE A 286 2.81 -3.27 21.58
N VAL A 287 2.59 -2.03 21.15
CA VAL A 287 3.55 -1.39 20.27
C VAL A 287 4.84 -1.16 21.06
N GLY A 288 5.94 -1.72 20.58
CA GLY A 288 7.18 -1.67 21.31
C GLY A 288 7.38 -2.77 22.34
N ASP A 289 6.39 -3.62 22.55
CA ASP A 289 6.56 -4.79 23.41
C ASP A 289 7.48 -5.78 22.71
N ASN A 290 8.62 -6.09 23.33
CA ASN A 290 9.67 -6.87 22.69
C ASN A 290 9.60 -8.36 23.02
N ARG A 291 8.50 -8.84 23.59
CA ARG A 291 8.33 -10.26 23.86
C ARG A 291 7.89 -11.01 22.61
N SER A 292 8.23 -12.30 22.58
CA SER A 292 7.73 -13.16 21.50
C SER A 292 6.22 -13.29 21.56
N SER A 293 5.69 -13.46 22.77
CA SER A 293 4.28 -13.75 22.97
C SER A 293 3.87 -13.25 24.34
N ILE A 294 2.70 -12.61 24.41
CA ILE A 294 2.10 -12.19 25.66
C ILE A 294 0.72 -12.79 25.72
N PHE A 295 0.30 -13.22 26.90
CA PHE A 295 -0.90 -14.05 27.06
C PHE A 295 -2.01 -13.17 27.63
N ASP A 296 -3.06 -12.97 26.84
CA ASP A 296 -4.21 -12.19 27.28
C ASP A 296 -5.11 -13.13 28.08
N ALA A 297 -4.96 -13.11 29.40
CA ALA A 297 -5.71 -14.02 30.26
C ALA A 297 -7.21 -13.74 30.17
N LYS A 298 -7.62 -12.49 30.40
CA LYS A 298 -9.04 -12.18 30.49
C LYS A 298 -9.78 -12.44 29.19
N ALA A 299 -9.11 -12.30 28.05
CA ALA A 299 -9.77 -12.44 26.76
C ALA A 299 -10.28 -13.87 26.53
N GLY A 300 -9.39 -14.86 26.66
CA GLY A 300 -9.68 -16.19 26.21
C GLY A 300 -10.77 -16.89 27.01
N ILE A 301 -11.24 -18.01 26.46
CA ILE A 301 -12.38 -18.73 27.03
C ILE A 301 -12.22 -20.22 26.77
N ALA A 302 -12.73 -21.01 27.69
CA ALA A 302 -12.76 -22.45 27.59
C ALA A 302 -14.21 -22.92 27.50
N LEU A 303 -14.44 -23.94 26.68
CA LEU A 303 -15.77 -24.55 26.71
C LEU A 303 -15.79 -25.63 27.77
N SER A 304 -14.94 -26.64 27.64
CA SER A 304 -14.80 -27.59 28.73
C SER A 304 -13.38 -27.53 29.28
N ASP A 305 -13.13 -28.37 30.29
CA ASP A 305 -11.80 -28.48 30.88
C ASP A 305 -10.86 -29.28 30.01
N LYS A 306 -11.28 -29.60 28.79
CA LYS A 306 -10.41 -30.15 27.78
C LYS A 306 -10.51 -29.40 26.46
N PHE A 307 -11.41 -28.42 26.35
CA PHE A 307 -11.56 -27.63 25.12
C PHE A 307 -11.51 -26.16 25.52
N VAL A 308 -10.48 -25.45 25.02
CA VAL A 308 -10.23 -24.07 25.46
C VAL A 308 -9.68 -23.24 24.31
N LYS A 309 -9.96 -21.93 24.38
CA LYS A 309 -9.47 -20.92 23.44
C LYS A 309 -8.59 -19.93 24.18
N LEU A 310 -7.36 -19.77 23.70
CA LEU A 310 -6.35 -18.94 24.34
C LEU A 310 -5.92 -17.82 23.41
N VAL A 311 -5.77 -16.62 23.97
CA VAL A 311 -5.49 -15.40 23.22
C VAL A 311 -4.10 -14.91 23.59
N SER A 312 -3.27 -14.62 22.59
CA SER A 312 -1.94 -14.11 22.92
C SER A 312 -1.48 -13.06 21.90
N TRP A 313 -0.70 -12.10 22.39
CA TRP A 313 -0.35 -10.92 21.60
C TRP A 313 1.11 -10.98 21.17
N TYR A 314 1.40 -10.35 20.02
CA TYR A 314 2.78 -10.15 19.59
C TYR A 314 2.86 -8.95 18.67
N ASP A 315 3.89 -8.13 18.86
CA ASP A 315 4.22 -7.04 17.95
C ASP A 315 5.02 -7.64 16.80
N ASN A 316 4.37 -7.79 15.64
CA ASN A 316 5.02 -8.51 14.55
C ASN A 316 6.34 -7.87 14.13
N GLU A 317 6.47 -6.56 14.32
CA GLU A 317 7.71 -5.88 13.96
C GLU A 317 8.75 -5.98 15.07
N TRP A 318 8.42 -5.46 16.26
CA TRP A 318 9.44 -5.28 17.29
C TRP A 318 9.89 -6.60 17.91
N GLY A 319 8.94 -7.39 18.41
CA GLY A 319 9.30 -8.62 19.10
C GLY A 319 10.08 -9.58 18.22
N TYR A 320 9.68 -9.70 16.95
CA TYR A 320 10.38 -10.61 16.04
C TYR A 320 11.82 -10.17 15.80
N SER A 321 12.06 -8.87 15.68
CA SER A 321 13.42 -8.39 15.41
C SER A 321 14.30 -8.52 16.65
N SER A 322 13.70 -8.33 17.82
CA SER A 322 14.41 -8.63 19.06
C SER A 322 14.82 -10.09 19.09
N ARG A 323 13.91 -10.98 18.69
CA ARG A 323 14.23 -12.40 18.62
C ARG A 323 15.31 -12.66 17.60
N VAL A 324 15.37 -11.87 16.53
CA VAL A 324 16.36 -12.12 15.48
C VAL A 324 17.76 -11.95 16.04
N VAL A 325 18.01 -10.84 16.73
CA VAL A 325 19.38 -10.69 17.20
C VAL A 325 19.64 -11.48 18.50
N ASP A 326 18.58 -11.81 19.27
CA ASP A 326 18.76 -12.77 20.34
C ASP A 326 19.28 -14.09 19.79
N LEU A 327 18.73 -14.52 18.65
CA LEU A 327 19.20 -15.74 18.00
C LEU A 327 20.64 -15.59 17.55
N ILE A 328 20.97 -14.47 16.90
CA ILE A 328 22.33 -14.30 16.39
C ILE A 328 23.35 -14.40 17.53
N VAL A 329 23.03 -13.81 18.69
CA VAL A 329 23.99 -13.86 19.79
C VAL A 329 24.02 -15.27 20.39
N HIS A 330 22.88 -15.99 20.41
CA HIS A 330 22.97 -17.40 20.82
C HIS A 330 23.91 -18.16 19.91
N MET A 331 24.01 -17.75 18.64
CA MET A 331 24.85 -18.52 17.72
C MET A 331 26.33 -18.20 17.86
N SER A 332 26.67 -16.91 18.09
CA SER A 332 27.99 -16.59 18.61
C SER A 332 28.47 -17.57 19.67
N LYS A 333 27.66 -17.79 20.70
CA LYS A 333 28.10 -18.59 21.85
C LYS A 333 28.26 -20.07 21.54
N ALA A 334 28.72 -20.39 20.33
CA ALA A 334 28.83 -21.77 19.86
C ALA A 334 27.58 -22.58 20.19
N LYS B 1 -19.44 1.62 -33.19
CA LYS B 1 -18.79 2.82 -33.78
C LYS B 1 -17.56 3.18 -32.95
N ILE B 2 -17.74 3.72 -31.75
CA ILE B 2 -16.59 4.11 -30.88
C ILE B 2 -16.01 2.88 -30.19
N ARG B 3 -15.03 2.23 -30.82
CA ARG B 3 -14.39 1.01 -30.27
C ARG B 3 -13.24 1.43 -29.34
N ILE B 4 -13.15 0.81 -28.16
CA ILE B 4 -12.18 1.21 -27.14
C ILE B 4 -11.34 0.05 -26.59
N GLY B 5 -10.08 0.34 -26.33
CA GLY B 5 -9.20 -0.57 -25.62
C GLY B 5 -8.47 0.24 -24.56
N ILE B 6 -8.24 -0.39 -23.41
CA ILE B 6 -7.68 0.28 -22.25
C ILE B 6 -6.31 -0.32 -21.94
N ASN B 7 -5.32 0.54 -21.68
CA ASN B 7 -3.95 0.14 -21.39
C ASN B 7 -3.72 0.31 -19.89
N GLY B 8 -3.73 -0.80 -19.16
CA GLY B 8 -3.62 -0.78 -17.71
C GLY B 8 -4.95 -0.86 -17.00
N PHE B 9 -5.28 -2.06 -16.52
CA PHE B 9 -6.51 -2.34 -15.77
C PHE B 9 -6.31 -2.03 -14.28
N GLY B 10 -6.00 -0.78 -13.99
CA GLY B 10 -5.77 -0.31 -12.64
C GLY B 10 -7.05 0.12 -11.95
N ARG B 11 -6.93 1.14 -11.10
CA ARG B 11 -8.15 1.72 -10.53
C ARG B 11 -8.94 2.45 -11.60
N ILE B 12 -8.30 3.38 -12.30
CA ILE B 12 -8.98 4.15 -13.32
C ILE B 12 -9.33 3.28 -14.53
N GLY B 13 -8.45 2.36 -14.91
CA GLY B 13 -8.73 1.53 -16.09
C GLY B 13 -10.00 0.72 -15.92
N ARG B 14 -10.12 0.01 -14.80
CA ARG B 14 -11.31 -0.79 -14.55
C ARG B 14 -12.56 0.08 -14.44
N LEU B 15 -12.44 1.24 -13.79
CA LEU B 15 -13.62 2.05 -13.53
C LEU B 15 -14.14 2.73 -14.80
N VAL B 16 -13.25 3.20 -15.67
CA VAL B 16 -13.67 3.72 -16.97
C VAL B 16 -14.17 2.59 -17.84
N ALA B 17 -13.68 1.36 -17.59
CA ALA B 17 -14.26 0.21 -18.26
C ALA B 17 -15.71 0.01 -17.85
N ARG B 18 -16.01 0.15 -16.55
CA ARG B 18 -17.39 0.06 -16.11
C ARG B 18 -18.24 1.15 -16.75
N VAL B 19 -17.69 2.37 -16.82
CA VAL B 19 -18.43 3.49 -17.40
C VAL B 19 -18.77 3.18 -18.86
N VAL B 20 -17.79 2.73 -19.64
CA VAL B 20 -18.06 2.47 -21.05
C VAL B 20 -18.93 1.23 -21.22
N LEU B 21 -18.85 0.29 -20.29
CA LEU B 21 -19.68 -0.90 -20.40
C LEU B 21 -21.16 -0.58 -20.25
N GLN B 22 -21.52 0.35 -19.37
CA GLN B 22 -22.96 0.67 -19.35
C GLN B 22 -23.40 1.87 -20.17
N ARG B 23 -22.72 2.16 -21.28
CA ARG B 23 -23.22 3.16 -22.21
C ARG B 23 -23.37 2.54 -23.59
N ASP B 24 -24.14 3.21 -24.44
CA ASP B 24 -24.49 2.66 -25.75
C ASP B 24 -23.76 3.35 -26.89
N ASP B 25 -23.20 4.54 -26.63
CA ASP B 25 -22.39 5.28 -27.58
C ASP B 25 -20.95 4.79 -27.64
N VAL B 26 -20.55 3.99 -26.66
CA VAL B 26 -19.18 3.64 -26.37
C VAL B 26 -19.15 2.12 -26.44
N GLU B 27 -17.98 1.55 -26.73
CA GLU B 27 -17.82 0.10 -26.60
C GLU B 27 -16.44 -0.24 -26.08
N LEU B 28 -16.29 -1.49 -25.66
CA LEU B 28 -15.06 -2.01 -25.08
C LEU B 28 -14.53 -3.12 -25.98
N VAL B 29 -13.39 -2.88 -26.61
CA VAL B 29 -12.76 -3.85 -27.48
C VAL B 29 -11.67 -4.62 -26.77
N ALA B 30 -10.76 -3.91 -26.11
CA ALA B 30 -9.62 -4.64 -25.58
C ALA B 30 -9.16 -4.06 -24.25
N VAL B 31 -8.40 -4.88 -23.53
CA VAL B 31 -7.71 -4.47 -22.33
C VAL B 31 -6.30 -5.04 -22.37
N ASN B 32 -5.32 -4.24 -21.98
CA ASN B 32 -3.93 -4.67 -21.89
C ASN B 32 -3.45 -4.44 -20.47
N ASP B 33 -2.98 -5.51 -19.85
CA ASP B 33 -2.25 -5.42 -18.60
C ASP B 33 -1.28 -6.59 -18.52
N PRO B 34 0.03 -6.33 -18.56
CA PRO B 34 0.98 -7.44 -18.50
C PRO B 34 0.94 -8.15 -17.16
N PHE B 35 0.41 -7.48 -16.13
CA PHE B 35 0.41 -7.99 -14.77
C PHE B 35 -0.87 -8.71 -14.38
N ILE B 36 -1.95 -8.56 -15.11
CA ILE B 36 -3.22 -9.15 -14.71
C ILE B 36 -3.58 -10.25 -15.70
N THR B 37 -3.98 -11.39 -15.16
CA THR B 37 -4.35 -12.58 -15.90
C THR B 37 -5.82 -12.54 -16.24
N THR B 38 -6.17 -13.12 -17.39
CA THR B 38 -7.51 -12.91 -17.92
C THR B 38 -8.58 -13.45 -16.96
N GLU B 39 -8.26 -14.54 -16.25
CA GLU B 39 -9.10 -14.97 -15.13
C GLU B 39 -9.05 -13.98 -13.97
N TYR B 40 -7.89 -13.37 -13.76
CA TYR B 40 -7.74 -12.37 -12.69
C TYR B 40 -8.50 -11.10 -13.01
N MET B 41 -8.56 -10.72 -14.29
CA MET B 41 -9.27 -9.51 -14.68
C MET B 41 -10.75 -9.58 -14.34
N THR B 42 -11.35 -10.76 -14.48
CA THR B 42 -12.76 -10.91 -14.13
C THR B 42 -12.98 -10.66 -12.64
N TYR B 43 -12.11 -11.23 -11.80
CA TYR B 43 -12.21 -11.01 -10.36
C TYR B 43 -12.00 -9.54 -10.02
N MET B 44 -11.00 -8.90 -10.62
CA MET B 44 -10.69 -7.52 -10.29
C MET B 44 -11.83 -6.60 -10.71
N PHE B 45 -12.44 -6.89 -11.86
CA PHE B 45 -13.56 -6.09 -12.33
C PHE B 45 -14.81 -6.30 -11.50
N LYS B 46 -15.13 -7.57 -11.19
CA LYS B 46 -16.39 -7.88 -10.53
C LYS B 46 -16.43 -7.29 -9.12
N TYR B 47 -15.37 -7.48 -8.35
CA TYR B 47 -15.36 -7.10 -6.95
C TYR B 47 -14.58 -5.81 -6.79
N ASP B 48 -15.20 -4.83 -6.14
CA ASP B 48 -14.60 -3.53 -5.91
C ASP B 48 -14.84 -3.13 -4.46
N SER B 49 -13.77 -2.72 -3.78
CA SER B 49 -13.88 -2.35 -2.39
C SER B 49 -14.48 -0.96 -2.19
N VAL B 50 -14.48 -0.13 -3.23
CA VAL B 50 -15.02 1.22 -3.15
C VAL B 50 -16.41 1.31 -3.76
N HIS B 51 -16.54 0.87 -5.00
CA HIS B 51 -17.72 1.13 -5.80
C HIS B 51 -18.65 -0.06 -5.89
N GLY B 52 -18.28 -1.17 -5.27
CA GLY B 52 -19.18 -2.29 -5.10
C GLY B 52 -19.12 -3.28 -6.25
N GLN B 53 -19.92 -4.33 -6.10
CA GLN B 53 -20.02 -5.34 -7.13
C GLN B 53 -20.67 -4.77 -8.38
N TRP B 54 -20.53 -5.49 -9.48
CA TRP B 54 -21.03 -5.08 -10.77
C TRP B 54 -22.42 -5.70 -11.00
N LYS B 55 -23.36 -4.91 -11.50
CA LYS B 55 -24.76 -5.41 -11.64
C LYS B 55 -25.02 -6.04 -13.01
N HIS B 56 -24.19 -5.76 -14.01
CA HIS B 56 -24.44 -6.32 -15.37
C HIS B 56 -23.22 -7.09 -15.92
N ASN B 57 -23.47 -8.00 -16.87
CA ASN B 57 -22.46 -8.79 -17.63
C ASN B 57 -21.58 -9.71 -16.76
N GLU B 58 -20.32 -9.86 -17.20
CA GLU B 58 -19.14 -10.54 -16.58
C GLU B 58 -19.08 -12.07 -16.78
N LEU B 59 -18.05 -12.52 -17.51
CA LEU B 59 -17.64 -13.93 -17.78
C LEU B 59 -16.43 -13.99 -18.72
N LYS B 60 -15.54 -14.96 -18.53
CA LYS B 60 -14.36 -15.17 -19.41
C LYS B 60 -14.60 -16.42 -20.27
N ILE B 61 -14.13 -16.43 -21.53
CA ILE B 61 -14.38 -17.64 -22.38
C ILE B 61 -13.07 -18.35 -22.73
N LYS B 62 -12.46 -17.91 -23.82
CA LYS B 62 -11.19 -18.46 -24.37
C LYS B 62 -10.24 -18.80 -23.22
N ASP B 63 -9.35 -19.77 -23.47
CA ASP B 63 -8.33 -20.24 -22.50
C ASP B 63 -7.68 -19.03 -21.85
N GLU B 64 -7.12 -18.13 -22.67
CA GLU B 64 -6.53 -16.88 -22.13
C GLU B 64 -6.41 -15.82 -23.24
N LYS B 65 -7.53 -15.33 -23.77
CA LYS B 65 -7.42 -14.28 -24.83
C LYS B 65 -8.69 -13.42 -24.90
N THR B 66 -9.86 -13.99 -24.64
CA THR B 66 -11.11 -13.19 -24.73
C THR B 66 -12.03 -13.37 -23.53
N LEU B 67 -12.62 -12.26 -23.08
CA LEU B 67 -13.58 -12.22 -21.95
C LEU B 67 -14.97 -11.95 -22.52
N LEU B 68 -16.02 -12.37 -21.82
CA LEU B 68 -17.39 -12.12 -22.34
C LEU B 68 -18.10 -11.11 -21.44
N PHE B 69 -18.24 -9.86 -21.89
CA PHE B 69 -18.99 -8.89 -21.09
C PHE B 69 -20.40 -8.87 -21.63
N GLY B 70 -21.29 -9.49 -20.89
CA GLY B 70 -22.51 -9.88 -21.53
C GLY B 70 -22.12 -10.84 -22.63
N GLU B 71 -22.36 -10.39 -23.85
CA GLU B 71 -22.12 -11.12 -25.09
C GLU B 71 -21.32 -10.26 -26.03
N LYS B 72 -20.86 -9.13 -25.53
CA LYS B 72 -19.85 -8.31 -26.14
C LYS B 72 -18.50 -8.93 -25.81
N PRO B 73 -17.66 -9.19 -26.77
CA PRO B 73 -16.38 -9.81 -26.44
C PRO B 73 -15.26 -8.80 -26.47
N VAL B 74 -14.48 -8.84 -25.40
CA VAL B 74 -13.39 -7.91 -25.12
C VAL B 74 -12.10 -8.70 -25.28
N THR B 75 -11.08 -8.00 -25.79
CA THR B 75 -9.80 -8.62 -26.05
C THR B 75 -8.77 -8.28 -24.98
N VAL B 76 -7.98 -9.26 -24.54
CA VAL B 76 -7.07 -9.09 -23.42
C VAL B 76 -5.62 -9.26 -23.89
N PHE B 77 -4.78 -8.29 -23.54
CA PHE B 77 -3.39 -8.27 -23.93
C PHE B 77 -2.55 -8.24 -22.66
N GLY B 78 -1.57 -9.13 -22.58
CA GLY B 78 -0.61 -9.09 -21.50
C GLY B 78 0.76 -8.73 -22.03
N ILE B 79 0.87 -7.54 -22.60
CA ILE B 79 2.07 -7.10 -23.31
C ILE B 79 2.76 -5.98 -22.55
N ARG B 80 4.07 -6.13 -22.37
CA ARG B 80 4.82 -5.15 -21.59
C ARG B 80 4.90 -3.80 -22.29
N ASN B 81 5.25 -3.78 -23.57
CA ASN B 81 5.50 -2.42 -24.05
C ASN B 81 4.44 -1.98 -25.05
N PRO B 82 4.22 -0.65 -25.16
CA PRO B 82 2.99 -0.16 -25.81
C PRO B 82 2.90 -0.43 -27.30
N GLU B 83 3.99 -0.29 -28.03
CA GLU B 83 3.93 -0.48 -29.47
C GLU B 83 3.77 -1.95 -29.86
N ASP B 84 4.12 -2.87 -28.97
CA ASP B 84 4.03 -4.30 -29.25
C ASP B 84 2.61 -4.85 -29.14
N ILE B 85 1.62 -4.03 -28.77
CA ILE B 85 0.23 -4.48 -28.68
C ILE B 85 -0.46 -4.15 -29.96
N PRO B 86 -1.07 -5.09 -30.64
CA PRO B 86 -1.70 -4.89 -31.94
C PRO B 86 -3.09 -4.27 -31.79
N TRP B 87 -3.09 -2.97 -31.46
CA TRP B 87 -4.33 -2.28 -31.11
C TRP B 87 -5.38 -2.33 -32.20
N ALA B 88 -4.98 -2.45 -33.47
CA ALA B 88 -5.94 -2.53 -34.57
C ALA B 88 -6.55 -3.91 -34.71
N GLU B 89 -5.78 -4.95 -34.42
CA GLU B 89 -6.19 -6.31 -34.78
C GLU B 89 -7.39 -6.75 -33.95
N ALA B 90 -7.60 -6.10 -32.81
CA ALA B 90 -8.91 -5.90 -32.23
C ALA B 90 -9.21 -4.44 -32.52
N GLY B 91 -10.40 -4.13 -33.03
CA GLY B 91 -10.65 -2.74 -33.36
C GLY B 91 -10.57 -1.73 -32.22
N ALA B 92 -9.44 -1.02 -32.12
CA ALA B 92 -9.28 0.02 -31.10
C ALA B 92 -8.78 1.35 -31.66
N ASP B 93 -9.72 2.26 -31.76
CA ASP B 93 -9.52 3.64 -32.19
C ASP B 93 -8.95 4.44 -31.07
N TYR B 94 -9.55 4.32 -29.86
CA TYR B 94 -9.26 5.12 -28.69
C TYR B 94 -8.65 4.17 -27.68
N VAL B 95 -7.44 4.48 -27.24
CA VAL B 95 -6.76 3.70 -26.23
C VAL B 95 -6.66 4.59 -24.99
N VAL B 96 -7.03 4.02 -23.84
CA VAL B 96 -6.92 4.73 -22.57
C VAL B 96 -5.52 4.49 -22.04
N GLU B 97 -4.76 5.57 -21.83
CA GLU B 97 -3.47 5.42 -21.18
C GLU B 97 -3.75 5.48 -19.69
N SER B 98 -4.00 4.31 -19.10
CA SER B 98 -4.39 4.20 -17.71
C SER B 98 -3.24 3.65 -16.88
N THR B 99 -2.06 3.50 -17.50
CA THR B 99 -0.91 2.83 -16.89
C THR B 99 -0.17 3.72 -15.90
N GLY B 100 -0.02 5.01 -16.21
CA GLY B 100 0.72 5.93 -15.39
C GLY B 100 2.21 6.03 -15.67
N VAL B 101 2.81 5.06 -16.37
CA VAL B 101 4.23 5.18 -16.68
C VAL B 101 4.48 5.87 -18.02
N PHE B 102 3.58 5.74 -18.99
CA PHE B 102 3.75 6.38 -20.30
C PHE B 102 2.85 7.61 -20.31
N THR B 103 3.29 8.63 -19.59
CA THR B 103 2.52 9.87 -19.50
C THR B 103 2.81 10.87 -20.62
N ASP B 104 4.03 10.91 -21.14
CA ASP B 104 4.49 12.04 -21.95
C ASP B 104 4.05 11.95 -23.40
N LYS B 105 3.98 13.12 -24.05
CA LYS B 105 3.48 13.25 -25.41
C LYS B 105 4.02 12.14 -26.31
N ASP B 106 5.34 11.96 -26.30
CA ASP B 106 5.96 10.92 -27.11
C ASP B 106 5.69 9.52 -26.55
N LYS B 107 5.48 9.39 -25.24
CA LYS B 107 5.42 8.05 -24.66
C LYS B 107 4.06 7.41 -24.92
N ALA B 108 2.98 8.22 -25.01
CA ALA B 108 1.69 7.69 -25.45
C ALA B 108 1.64 7.51 -26.96
N ALA B 109 2.53 8.18 -27.70
CA ALA B 109 2.57 8.01 -29.15
C ALA B 109 2.90 6.58 -29.53
N ALA B 110 3.40 5.81 -28.56
CA ALA B 110 3.76 4.42 -28.78
C ALA B 110 2.57 3.57 -29.21
N HIS B 111 1.34 4.00 -28.92
CA HIS B 111 0.18 3.18 -29.23
C HIS B 111 -0.20 3.24 -30.70
N LEU B 112 0.12 4.35 -31.39
CA LEU B 112 -0.23 4.48 -32.80
C LEU B 112 0.48 3.46 -33.67
N LYS B 113 1.65 2.97 -33.24
CA LYS B 113 2.34 1.95 -34.02
C LYS B 113 1.71 0.57 -33.84
N GLY B 114 0.96 0.37 -32.76
CA GLY B 114 0.10 -0.78 -32.65
C GLY B 114 -1.11 -0.75 -33.55
N GLY B 115 -1.28 0.31 -34.34
CA GLY B 115 -2.51 0.54 -35.09
C GLY B 115 -3.66 1.05 -34.26
N ALA B 116 -3.49 2.24 -33.68
CA ALA B 116 -4.52 2.91 -32.89
C ALA B 116 -4.67 4.33 -33.40
N LYS B 117 -5.91 4.79 -33.60
CA LYS B 117 -6.08 6.09 -34.24
C LYS B 117 -5.82 7.25 -33.28
N LYS B 118 -6.18 7.10 -32.01
CA LYS B 118 -6.01 8.15 -31.01
C LYS B 118 -5.83 7.51 -29.63
N VAL B 119 -5.09 8.21 -28.76
CA VAL B 119 -4.89 7.76 -27.39
C VAL B 119 -5.11 8.94 -26.45
N VAL B 120 -5.83 8.69 -25.35
CA VAL B 120 -6.21 9.66 -24.33
C VAL B 120 -5.45 9.27 -23.07
N ILE B 121 -4.69 10.22 -22.51
CA ILE B 121 -3.89 9.94 -21.33
C ILE B 121 -4.69 10.27 -20.07
N SER B 122 -4.89 9.27 -19.22
CA SER B 122 -5.42 9.43 -17.88
C SER B 122 -4.76 10.62 -17.18
N ALA B 123 -3.49 10.51 -16.83
CA ALA B 123 -2.87 11.54 -16.00
C ALA B 123 -2.65 12.81 -16.81
N PRO B 124 -2.28 13.90 -16.15
CA PRO B 124 -1.72 15.05 -16.88
C PRO B 124 -0.38 14.63 -17.47
N SER B 125 0.08 15.38 -18.46
CA SER B 125 1.34 15.07 -19.11
C SER B 125 2.17 16.32 -19.32
N LYS B 126 3.49 16.14 -19.41
CA LYS B 126 4.39 17.29 -19.55
C LYS B 126 4.12 18.05 -20.83
N ASP B 127 3.69 17.36 -21.88
CA ASP B 127 3.56 18.04 -23.17
C ASP B 127 2.29 17.69 -23.93
N ALA B 128 1.81 16.44 -23.81
CA ALA B 128 0.57 16.02 -24.48
C ALA B 128 -0.58 16.98 -24.19
N PRO B 129 -1.46 17.21 -25.17
CA PRO B 129 -2.48 18.25 -25.00
C PRO B 129 -3.47 17.89 -23.90
N MET B 130 -3.88 18.93 -23.16
CA MET B 130 -4.66 18.77 -21.94
C MET B 130 -6.02 19.42 -22.10
N PHE B 131 -7.07 18.66 -21.78
CA PHE B 131 -8.44 19.16 -21.87
C PHE B 131 -9.23 18.73 -20.65
N VAL B 132 -10.02 19.66 -20.12
CA VAL B 132 -10.94 19.37 -19.03
C VAL B 132 -12.34 19.55 -19.60
N VAL B 133 -13.08 18.45 -19.75
CA VAL B 133 -14.41 18.51 -20.34
C VAL B 133 -15.25 19.55 -19.62
N GLY B 134 -15.94 20.39 -20.39
CA GLY B 134 -16.74 21.45 -19.84
C GLY B 134 -16.08 22.81 -19.70
N VAL B 135 -14.74 22.91 -19.84
CA VAL B 135 -14.04 24.20 -19.77
C VAL B 135 -13.16 24.44 -20.99
N ASN B 136 -12.61 23.38 -21.60
CA ASN B 136 -11.83 23.61 -22.83
C ASN B 136 -11.77 22.41 -23.75
N GLU B 137 -12.63 21.40 -23.57
CA GLU B 137 -12.67 20.29 -24.52
C GLU B 137 -12.94 20.78 -25.93
N HIS B 138 -13.44 22.01 -26.08
CA HIS B 138 -13.79 22.57 -27.37
C HIS B 138 -12.59 23.08 -28.16
N GLU B 139 -11.45 23.30 -27.50
CA GLU B 139 -10.27 23.72 -28.22
C GLU B 139 -9.51 22.53 -28.75
N TYR B 140 -10.12 21.35 -28.64
CA TYR B 140 -9.61 20.16 -29.29
C TYR B 140 -9.84 20.26 -30.79
N LYS B 141 -8.89 19.74 -31.55
CA LYS B 141 -8.98 19.69 -33.00
C LYS B 141 -8.62 18.29 -33.47
N SER B 142 -9.13 17.90 -34.63
CA SER B 142 -9.00 16.50 -35.01
C SER B 142 -7.69 16.17 -35.70
N ASP B 143 -6.77 17.14 -35.84
CA ASP B 143 -5.40 16.79 -36.18
C ASP B 143 -4.69 16.11 -35.02
N LEU B 144 -5.15 16.35 -33.79
CA LEU B 144 -4.45 15.88 -32.60
C LEU B 144 -4.31 14.37 -32.60
N ASP B 145 -3.07 13.90 -32.66
CA ASP B 145 -2.81 12.46 -32.62
C ASP B 145 -3.04 11.92 -31.22
N ILE B 146 -2.65 12.68 -30.21
CA ILE B 146 -2.56 12.21 -28.84
C ILE B 146 -3.04 13.31 -27.92
N VAL B 147 -3.65 12.92 -26.80
CA VAL B 147 -4.31 13.87 -25.93
C VAL B 147 -4.11 13.43 -24.48
N SER B 148 -4.38 14.34 -23.54
CA SER B 148 -4.35 14.04 -22.12
C SER B 148 -5.61 14.62 -21.49
N ASN B 149 -6.23 13.86 -20.59
CA ASN B 149 -7.43 14.32 -19.91
C ASN B 149 -7.12 14.99 -18.57
N ALA B 150 -5.85 15.29 -18.30
CA ALA B 150 -5.43 16.02 -17.10
C ALA B 150 -5.68 15.19 -15.86
N SER B 151 -5.74 15.84 -14.71
CA SER B 151 -5.85 15.14 -13.44
C SER B 151 -7.22 15.31 -12.83
N CYS B 152 -7.53 14.39 -11.91
CA CYS B 152 -8.72 14.54 -11.07
C CYS B 152 -8.80 15.94 -10.48
N THR B 153 -7.70 16.38 -9.86
CA THR B 153 -7.69 17.64 -9.16
C THR B 153 -7.90 18.81 -10.12
N THR B 154 -7.28 18.75 -11.30
CA THR B 154 -7.52 19.76 -12.32
C THR B 154 -8.98 19.76 -12.76
N ASN B 155 -9.55 18.57 -12.95
CA ASN B 155 -10.93 18.48 -13.41
C ASN B 155 -11.91 19.03 -12.37
N CYS B 156 -11.56 19.00 -11.08
CA CYS B 156 -12.44 19.63 -10.11
C CYS B 156 -12.17 21.13 -10.00
N LEU B 157 -10.89 21.53 -10.07
CA LEU B 157 -10.52 22.91 -9.87
C LEU B 157 -10.96 23.80 -11.03
N ALA B 158 -10.64 23.42 -12.26
CA ALA B 158 -10.79 24.33 -13.38
C ALA B 158 -12.24 24.71 -13.64
N PRO B 159 -13.22 23.81 -13.62
CA PRO B 159 -14.61 24.28 -13.75
C PRO B 159 -15.01 25.22 -12.63
N LEU B 160 -14.61 24.93 -11.39
CA LEU B 160 -14.96 25.79 -10.26
C LEU B 160 -14.26 27.13 -10.35
N ALA B 161 -12.98 27.11 -10.73
CA ALA B 161 -12.22 28.36 -10.87
C ALA B 161 -12.77 29.20 -12.01
N LYS B 162 -13.25 28.57 -13.10
CA LYS B 162 -13.66 29.33 -14.27
C LYS B 162 -14.87 30.21 -14.03
N VAL B 163 -15.89 29.73 -13.29
CA VAL B 163 -17.08 30.58 -13.06
C VAL B 163 -16.72 31.75 -12.16
N ILE B 164 -15.85 31.50 -11.17
CA ILE B 164 -15.43 32.55 -10.24
C ILE B 164 -14.67 33.62 -11.03
N ASN B 165 -13.74 33.19 -11.88
CA ASN B 165 -13.00 34.14 -12.70
C ASN B 165 -13.91 34.84 -13.70
N ASP B 166 -14.73 34.07 -14.41
CA ASP B 166 -15.53 34.57 -15.53
C ASP B 166 -16.62 35.56 -15.12
N ARG B 167 -17.03 35.62 -13.84
CA ARG B 167 -18.02 36.60 -13.39
C ARG B 167 -17.41 37.61 -12.39
N PHE B 168 -16.30 37.27 -11.71
CA PHE B 168 -15.62 38.21 -10.82
C PHE B 168 -14.12 38.35 -11.03
N GLY B 169 -13.48 37.49 -11.80
CA GLY B 169 -12.06 37.61 -12.02
C GLY B 169 -11.22 37.21 -10.82
N ILE B 170 -10.22 36.36 -11.03
CA ILE B 170 -9.31 35.96 -9.97
C ILE B 170 -8.00 36.69 -10.17
N VAL B 171 -7.55 37.40 -9.14
CA VAL B 171 -6.24 38.01 -9.20
C VAL B 171 -5.17 37.00 -8.80
N GLU B 172 -5.28 36.45 -7.58
CA GLU B 172 -4.34 35.44 -7.12
C GLU B 172 -5.08 34.38 -6.33
N GLY B 173 -4.64 33.13 -6.47
CA GLY B 173 -5.24 32.04 -5.72
C GLY B 173 -4.22 31.02 -5.26
N LEU B 174 -4.48 30.48 -4.06
CA LEU B 174 -3.70 29.40 -3.47
C LEU B 174 -4.66 28.27 -3.12
N MET B 175 -4.32 27.05 -3.51
CA MET B 175 -5.20 25.91 -3.35
C MET B 175 -4.53 24.83 -2.51
N THR B 176 -5.30 24.15 -1.69
CA THR B 176 -4.92 22.89 -1.09
C THR B 176 -5.94 21.87 -1.54
N THR B 177 -5.51 20.63 -1.68
CA THR B 177 -6.43 19.53 -1.91
C THR B 177 -6.15 18.52 -0.81
N VAL B 178 -7.18 18.18 -0.03
CA VAL B 178 -7.03 17.06 0.89
C VAL B 178 -7.61 15.86 0.17
N HIS B 179 -6.74 14.90 -0.09
CA HIS B 179 -6.89 13.88 -1.13
C HIS B 179 -6.78 12.49 -0.52
N SER B 180 -7.61 11.57 -1.00
CA SER B 180 -7.51 10.19 -0.57
C SER B 180 -6.23 9.55 -1.10
N ILE B 181 -5.83 8.46 -0.47
CA ILE B 181 -4.61 7.76 -0.85
C ILE B 181 -4.84 6.99 -2.13
N THR B 182 -3.76 6.75 -2.87
CA THR B 182 -3.84 6.14 -4.20
C THR B 182 -2.84 4.99 -4.31
N ALA B 183 -2.80 4.37 -5.48
CA ALA B 183 -1.97 3.18 -5.70
C ALA B 183 -0.48 3.48 -5.56
N THR B 184 -0.08 4.74 -5.63
CA THR B 184 1.33 5.08 -5.57
C THR B 184 1.87 5.11 -4.14
N GLN B 185 1.01 4.93 -3.14
CA GLN B 185 1.40 4.96 -1.74
C GLN B 185 1.65 3.56 -1.22
N LYS B 186 2.10 3.50 0.04
CA LYS B 186 2.49 2.24 0.69
C LYS B 186 1.64 2.02 1.93
N THR B 187 1.31 0.75 2.19
CA THR B 187 0.58 0.40 3.41
C THR B 187 1.37 0.79 4.65
N VAL B 188 2.69 0.55 4.65
CA VAL B 188 3.56 0.83 5.78
C VAL B 188 4.83 1.47 5.24
N ASP B 189 5.69 1.91 6.15
CA ASP B 189 6.81 2.75 5.77
C ASP B 189 7.76 1.99 4.85
N GLY B 190 7.96 2.54 3.66
CA GLY B 190 8.72 1.87 2.62
C GLY B 190 9.36 2.87 1.69
N PRO B 191 10.12 2.36 0.72
CA PRO B 191 10.85 3.27 -0.20
C PRO B 191 9.91 3.85 -1.25
N SER B 192 9.93 5.20 -1.36
CA SER B 192 9.33 5.92 -2.48
C SER B 192 10.34 7.05 -2.71
N MET B 193 11.35 6.71 -3.50
CA MET B 193 12.54 7.53 -3.58
C MET B 193 12.27 8.91 -4.17
N LYS B 194 11.18 9.06 -4.93
CA LYS B 194 10.95 10.29 -5.68
C LYS B 194 10.09 11.26 -4.88
N ASP B 195 9.35 10.73 -3.88
CA ASP B 195 8.59 11.51 -2.89
C ASP B 195 8.79 10.81 -1.56
N TRP B 196 9.64 11.38 -0.71
CA TRP B 196 9.99 10.71 0.54
C TRP B 196 8.78 10.58 1.46
N ARG B 197 7.99 11.64 1.58
CA ARG B 197 6.83 11.54 2.44
C ARG B 197 5.77 10.61 1.88
N GLY B 198 5.89 10.26 0.59
CA GLY B 198 4.97 9.31 0.00
C GLY B 198 5.23 7.88 0.40
N GLY B 199 6.42 7.59 0.96
CA GLY B 199 6.70 6.25 1.41
C GLY B 199 6.12 5.91 2.76
N ARG B 200 5.73 6.93 3.53
CA ARG B 200 5.21 6.71 4.87
C ARG B 200 3.82 6.08 4.83
N ALA B 201 3.51 5.30 5.86
CA ALA B 201 2.29 4.51 5.92
C ALA B 201 1.06 5.36 5.59
N ALA B 202 0.38 4.98 4.51
CA ALA B 202 -0.65 5.85 3.93
C ALA B 202 -1.86 6.00 4.86
N SER B 203 -2.32 4.91 5.46
CA SER B 203 -3.61 4.91 6.13
C SER B 203 -3.53 5.43 7.56
N PHE B 204 -2.34 5.73 8.08
CA PHE B 204 -2.20 6.17 9.46
C PHE B 204 -1.41 7.47 9.55
N ASN B 205 -1.32 8.20 8.44
CA ASN B 205 -0.54 9.42 8.34
C ASN B 205 -1.32 10.46 7.55
N ILE B 206 -1.10 11.71 7.91
CA ILE B 206 -1.46 12.87 7.10
C ILE B 206 -0.20 13.23 6.33
N ILE B 207 -0.23 13.02 5.01
CA ILE B 207 0.97 13.07 4.19
C ILE B 207 0.93 14.35 3.37
N PRO B 208 1.81 15.32 3.62
CA PRO B 208 1.95 16.43 2.68
C PRO B 208 2.61 15.93 1.41
N SER B 209 1.99 16.22 0.28
CA SER B 209 2.59 15.93 -1.01
C SER B 209 2.12 17.01 -1.96
N SER B 210 2.73 17.02 -3.14
CA SER B 210 2.55 18.11 -4.08
C SER B 210 1.66 17.64 -5.23
N THR B 211 0.84 18.54 -5.73
CA THR B 211 0.27 18.35 -7.05
C THR B 211 0.25 19.68 -7.78
N GLY B 212 0.56 19.62 -9.06
CA GLY B 212 0.60 20.76 -9.95
C GLY B 212 -0.76 21.27 -10.36
N ALA B 213 -1.81 20.57 -9.94
CA ALA B 213 -3.20 20.82 -10.29
C ALA B 213 -3.53 22.27 -10.62
N ALA B 214 -2.86 23.23 -9.97
CA ALA B 214 -3.25 24.63 -10.11
C ALA B 214 -2.68 25.32 -11.35
N LYS B 215 -1.36 25.24 -11.61
CA LYS B 215 -0.81 25.98 -12.75
C LYS B 215 -1.33 25.41 -14.06
N ALA B 216 -1.68 24.13 -14.04
CA ALA B 216 -2.29 23.48 -15.20
C ALA B 216 -3.65 24.09 -15.53
N VAL B 217 -4.42 24.48 -14.50
CA VAL B 217 -5.70 25.19 -14.62
C VAL B 217 -5.45 26.50 -15.37
N GLY B 218 -4.31 26.58 -16.06
CA GLY B 218 -3.99 27.68 -16.95
C GLY B 218 -3.45 27.12 -18.24
N LYS B 219 -2.74 25.99 -18.14
CA LYS B 219 -2.31 25.27 -19.34
C LYS B 219 -3.51 24.80 -20.15
N VAL B 220 -4.68 24.74 -19.52
CA VAL B 220 -5.95 24.50 -20.20
C VAL B 220 -6.90 25.66 -20.07
N LEU B 221 -6.60 26.64 -19.22
CA LEU B 221 -7.40 27.85 -19.09
C LEU B 221 -6.42 29.02 -19.14
N PRO B 222 -5.87 29.31 -20.32
CA PRO B 222 -4.73 30.25 -20.40
C PRO B 222 -5.02 31.62 -19.83
N ALA B 223 -6.30 31.94 -19.61
CA ALA B 223 -6.65 33.20 -18.96
C ALA B 223 -6.16 33.20 -17.51
N LEU B 224 -6.11 32.02 -16.88
CA LEU B 224 -5.67 31.89 -15.49
C LEU B 224 -4.27 31.31 -15.35
N ASN B 225 -3.52 31.19 -16.44
CA ASN B 225 -2.15 30.66 -16.43
C ASN B 225 -1.24 31.48 -15.50
N GLY B 226 -0.50 30.77 -14.64
CA GLY B 226 0.42 31.45 -13.74
C GLY B 226 -0.24 32.27 -12.67
N LYS B 227 -1.50 31.97 -12.34
CA LYS B 227 -2.29 32.72 -11.39
C LYS B 227 -2.68 31.92 -10.16
N LEU B 228 -2.31 30.64 -10.10
CA LEU B 228 -2.74 29.75 -9.03
C LEU B 228 -1.59 28.80 -8.71
N THR B 229 -1.51 28.38 -7.46
CA THR B 229 -0.64 27.26 -7.11
C THR B 229 -1.21 26.58 -5.88
N GLY B 230 -0.71 25.38 -5.64
CA GLY B 230 -1.16 24.68 -4.46
C GLY B 230 -0.27 23.54 -4.05
N MET B 231 -0.78 22.80 -3.08
CA MET B 231 -0.14 21.65 -2.48
C MET B 231 -1.22 20.61 -2.27
N SER B 232 -0.85 19.48 -1.71
CA SER B 232 -1.81 18.45 -1.40
C SER B 232 -1.67 18.03 0.05
N PHE B 233 -2.66 17.28 0.51
CA PHE B 233 -2.56 16.58 1.78
C PHE B 233 -3.22 15.23 1.57
N ARG B 234 -2.42 14.17 1.58
CA ARG B 234 -2.96 12.82 1.47
C ARG B 234 -3.32 12.34 2.87
N VAL B 235 -4.54 11.82 3.01
CA VAL B 235 -5.08 11.43 4.31
C VAL B 235 -5.83 10.11 4.16
N PRO B 236 -6.03 9.38 5.27
CA PRO B 236 -6.46 7.96 5.15
C PRO B 236 -7.90 7.76 4.73
N THR B 237 -8.19 8.06 3.47
CA THR B 237 -9.46 7.67 2.89
C THR B 237 -9.19 6.92 1.60
N VAL B 238 -10.09 5.99 1.29
CA VAL B 238 -9.91 5.17 0.09
C VAL B 238 -10.20 5.97 -1.17
N ASP B 239 -11.24 6.79 -1.14
CA ASP B 239 -11.72 7.48 -2.34
C ASP B 239 -12.40 8.78 -1.89
N VAL B 240 -12.57 9.69 -2.86
CA VAL B 240 -13.20 11.00 -2.70
C VAL B 240 -12.21 11.98 -2.09
N SER B 241 -12.14 13.17 -2.66
CA SER B 241 -11.19 14.20 -2.28
C SER B 241 -11.90 15.54 -2.36
N VAL B 242 -11.30 16.56 -1.74
CA VAL B 242 -11.91 17.89 -1.75
C VAL B 242 -10.83 18.92 -2.00
N VAL B 243 -11.21 19.98 -2.73
CA VAL B 243 -10.35 21.10 -3.03
C VAL B 243 -10.78 22.28 -2.17
N ASP B 244 -9.80 22.92 -1.54
CA ASP B 244 -9.93 24.10 -0.70
C ASP B 244 -9.18 25.21 -1.42
N LEU B 245 -9.91 26.11 -2.06
CA LEU B 245 -9.27 27.12 -2.89
C LEU B 245 -9.49 28.50 -2.30
N THR B 246 -8.40 29.27 -2.19
CA THR B 246 -8.38 30.56 -1.52
C THR B 246 -7.98 31.63 -2.54
N VAL B 247 -8.92 32.49 -2.93
CA VAL B 247 -8.62 33.47 -3.97
C VAL B 247 -9.10 34.85 -3.60
N ARG B 248 -8.41 35.84 -4.14
CA ARG B 248 -8.81 37.24 -4.09
C ARG B 248 -9.42 37.64 -5.44
N LEU B 249 -10.50 38.41 -5.38
CA LEU B 249 -11.30 38.76 -6.55
C LEU B 249 -11.10 40.22 -6.89
N GLU B 250 -10.90 40.53 -8.18
CA GLU B 250 -10.86 41.93 -8.60
C GLU B 250 -12.22 42.60 -8.44
N LYS B 251 -13.31 41.88 -8.71
CA LYS B 251 -14.66 42.42 -8.65
C LYS B 251 -15.37 41.87 -7.42
N ALA B 252 -15.77 42.78 -6.53
CA ALA B 252 -16.34 42.41 -5.24
C ALA B 252 -17.68 41.67 -5.39
N ALA B 253 -17.88 40.68 -4.52
CA ALA B 253 -19.09 39.87 -4.48
C ALA B 253 -19.38 39.51 -3.03
N THR B 254 -20.60 39.05 -2.76
CA THR B 254 -20.91 38.52 -1.44
C THR B 254 -21.03 37.00 -1.53
N TYR B 255 -20.86 36.34 -0.38
CA TYR B 255 -20.90 34.87 -0.38
C TYR B 255 -22.20 34.35 -0.98
N ASP B 256 -23.32 34.99 -0.65
CA ASP B 256 -24.59 34.60 -1.25
C ASP B 256 -24.58 34.83 -2.76
N GLU B 257 -23.93 35.91 -3.22
CA GLU B 257 -23.87 36.18 -4.65
C GLU B 257 -23.07 35.12 -5.39
N ILE B 258 -21.90 34.77 -4.87
CA ILE B 258 -21.09 33.74 -5.50
C ILE B 258 -21.79 32.38 -5.42
N LYS B 259 -22.49 32.11 -4.30
CA LYS B 259 -23.28 30.89 -4.18
C LYS B 259 -24.33 30.81 -5.30
N LYS B 260 -25.05 31.92 -5.50
CA LYS B 260 -26.12 31.96 -6.48
C LYS B 260 -25.58 31.86 -7.90
N ALA B 261 -24.40 32.45 -8.14
CA ALA B 261 -23.76 32.31 -9.45
C ALA B 261 -23.38 30.87 -9.74
N ILE B 262 -22.81 30.18 -8.74
CA ILE B 262 -22.44 28.79 -8.94
C ILE B 262 -23.67 27.92 -9.16
N LYS B 263 -24.77 28.22 -8.46
CA LYS B 263 -26.02 27.49 -8.73
C LYS B 263 -26.48 27.73 -10.16
N GLU B 264 -26.45 29.00 -10.60
CA GLU B 264 -26.80 29.35 -11.97
C GLU B 264 -26.03 28.49 -12.96
N GLU B 265 -24.70 28.52 -12.87
CA GLU B 265 -23.88 27.77 -13.82
C GLU B 265 -24.06 26.27 -13.68
N SER B 266 -24.39 25.83 -12.47
CA SER B 266 -24.59 24.37 -12.22
C SER B 266 -25.71 23.85 -13.13
N GLU B 267 -26.72 24.67 -13.40
CA GLU B 267 -27.86 24.23 -14.23
C GLU B 267 -27.72 24.74 -15.66
N GLY B 268 -26.57 25.29 -16.02
CA GLY B 268 -26.41 25.85 -17.36
C GLY B 268 -25.34 25.16 -18.17
N LYS B 269 -24.33 25.92 -18.61
CA LYS B 269 -23.28 25.37 -19.46
C LYS B 269 -22.49 24.27 -18.78
N LEU B 270 -22.51 24.22 -17.44
CA LEU B 270 -21.69 23.28 -16.67
C LEU B 270 -22.50 22.16 -16.05
N LYS B 271 -23.77 21.98 -16.46
CA LYS B 271 -24.63 20.98 -15.84
C LYS B 271 -24.04 19.58 -16.01
N GLY B 272 -24.03 18.82 -14.91
CA GLY B 272 -23.46 17.49 -14.91
C GLY B 272 -21.96 17.44 -14.80
N ILE B 273 -21.28 18.58 -14.90
CA ILE B 273 -19.85 18.67 -14.70
C ILE B 273 -19.52 19.40 -13.40
N LEU B 274 -20.18 20.53 -13.16
CA LEU B 274 -19.99 21.31 -11.94
C LEU B 274 -21.34 21.39 -11.25
N GLY B 275 -21.41 20.83 -10.04
CA GLY B 275 -22.65 20.71 -9.30
C GLY B 275 -22.71 21.66 -8.13
N TYR B 276 -23.85 21.64 -7.45
CA TYR B 276 -24.10 22.58 -6.37
C TYR B 276 -24.88 21.89 -5.27
N THR B 277 -24.41 22.04 -4.03
CA THR B 277 -25.08 21.50 -2.86
C THR B 277 -24.98 22.48 -1.71
N GLU B 278 -26.03 22.53 -0.90
CA GLU B 278 -26.02 23.26 0.36
C GLU B 278 -26.35 22.35 1.53
N ASP B 279 -25.96 21.08 1.43
CA ASP B 279 -26.24 20.09 2.45
C ASP B 279 -25.00 19.81 3.28
N ASP B 280 -25.20 19.21 4.45
CA ASP B 280 -24.12 18.92 5.38
C ASP B 280 -23.41 17.61 4.98
N VAL B 281 -22.91 17.61 3.74
CA VAL B 281 -22.31 16.42 3.15
C VAL B 281 -20.96 16.09 3.79
N VAL B 282 -20.50 14.86 3.57
CA VAL B 282 -19.21 14.36 4.02
C VAL B 282 -18.58 13.55 2.88
N SER B 283 -17.35 13.06 3.14
CA SER B 283 -16.59 12.30 2.15
C SER B 283 -17.40 11.23 1.42
N THR B 284 -17.98 10.29 2.16
CA THR B 284 -18.73 9.19 1.55
C THR B 284 -19.83 9.63 0.61
N ASP B 285 -20.38 10.84 0.77
CA ASP B 285 -21.57 11.22 0.02
C ASP B 285 -21.30 11.39 -1.47
N PHE B 286 -20.05 11.30 -1.91
CA PHE B 286 -19.70 11.50 -3.32
C PHE B 286 -19.08 10.26 -3.96
N VAL B 287 -19.08 9.12 -3.28
CA VAL B 287 -18.66 7.88 -3.92
C VAL B 287 -19.69 7.51 -4.97
N GLY B 288 -19.24 7.36 -6.21
CA GLY B 288 -20.16 7.14 -7.31
C GLY B 288 -20.73 8.38 -7.94
N ASP B 289 -20.40 9.56 -7.41
CA ASP B 289 -20.78 10.81 -8.05
C ASP B 289 -20.01 10.98 -9.36
N ASN B 290 -20.74 11.10 -10.47
CA ASN B 290 -20.12 11.13 -11.79
C ASN B 290 -19.86 12.55 -12.27
N ARG B 291 -20.02 13.54 -11.41
CA ARG B 291 -19.66 14.91 -11.75
C ARG B 291 -18.18 15.15 -11.50
N SER B 292 -17.59 16.07 -12.27
CA SER B 292 -16.20 16.45 -12.04
C SER B 292 -16.03 17.16 -10.71
N SER B 293 -16.96 18.06 -10.39
CA SER B 293 -16.82 18.94 -9.24
C SER B 293 -18.21 19.29 -8.73
N ILE B 294 -18.36 19.26 -7.41
CA ILE B 294 -19.58 19.67 -6.75
C ILE B 294 -19.20 20.74 -5.74
N PHE B 295 -20.06 21.74 -5.57
CA PHE B 295 -19.71 22.93 -4.82
C PHE B 295 -20.35 22.87 -3.45
N ASP B 296 -19.51 22.81 -2.41
CA ASP B 296 -19.94 22.76 -1.02
C ASP B 296 -20.15 24.19 -0.55
N ALA B 297 -21.40 24.65 -0.60
CA ALA B 297 -21.72 26.02 -0.19
C ALA B 297 -21.45 26.23 1.30
N LYS B 298 -22.04 25.37 2.14
CA LYS B 298 -21.96 25.56 3.59
C LYS B 298 -20.53 25.47 4.12
N ALA B 299 -19.69 24.66 3.47
CA ALA B 299 -18.33 24.46 3.98
C ALA B 299 -17.54 25.77 3.96
N GLY B 300 -17.51 26.45 2.81
CA GLY B 300 -16.62 27.57 2.61
C GLY B 300 -16.97 28.79 3.45
N ILE B 301 -16.05 29.75 3.45
CA ILE B 301 -16.16 30.95 4.26
C ILE B 301 -15.48 32.10 3.52
N ALA B 302 -15.97 33.31 3.72
CA ALA B 302 -15.40 34.51 3.12
C ALA B 302 -14.83 35.42 4.20
N LEU B 303 -13.67 36.02 3.92
CA LEU B 303 -13.09 37.05 4.78
C LEU B 303 -13.52 38.44 4.33
N SER B 304 -13.17 38.79 3.09
CA SER B 304 -13.67 40.02 2.50
C SER B 304 -14.72 39.65 1.48
N ASP B 305 -15.27 40.65 0.82
CA ASP B 305 -16.08 40.40 -0.35
C ASP B 305 -15.25 40.42 -1.62
N LYS B 306 -13.93 40.41 -1.46
CA LYS B 306 -12.96 40.16 -2.53
C LYS B 306 -11.97 39.06 -2.19
N PHE B 307 -11.99 38.50 -0.98
CA PHE B 307 -11.10 37.44 -0.54
C PHE B 307 -11.95 36.32 0.03
N VAL B 308 -11.92 35.14 -0.59
CA VAL B 308 -12.84 34.07 -0.19
C VAL B 308 -12.20 32.71 -0.34
N LYS B 309 -12.68 31.77 0.47
CA LYS B 309 -12.27 30.38 0.51
C LYS B 309 -13.45 29.51 0.06
N LEU B 310 -13.25 28.72 -0.99
CA LEU B 310 -14.29 27.94 -1.62
C LEU B 310 -13.95 26.46 -1.54
N VAL B 311 -14.96 25.65 -1.22
CA VAL B 311 -14.81 24.22 -0.97
C VAL B 311 -15.57 23.47 -2.05
N SER B 312 -14.93 22.51 -2.70
CA SER B 312 -15.63 21.70 -3.69
C SER B 312 -15.14 20.26 -3.67
N TRP B 313 -16.04 19.33 -3.96
CA TRP B 313 -15.82 17.90 -3.79
C TRP B 313 -15.64 17.22 -5.13
N TYR B 314 -14.86 16.14 -5.14
CA TYR B 314 -14.79 15.31 -6.33
C TYR B 314 -14.40 13.88 -5.96
N ASP B 315 -15.06 12.92 -6.60
CA ASP B 315 -14.67 11.52 -6.49
C ASP B 315 -13.52 11.33 -7.49
N ASN B 316 -12.30 11.31 -6.97
CA ASN B 316 -11.12 11.31 -7.84
C ASN B 316 -11.11 10.10 -8.77
N GLU B 317 -11.73 8.99 -8.35
CA GLU B 317 -11.78 7.80 -9.18
C GLU B 317 -12.95 7.85 -10.16
N TRP B 318 -14.18 7.94 -9.65
CA TRP B 318 -15.35 7.74 -10.49
C TRP B 318 -15.59 8.91 -11.45
N GLY B 319 -15.70 10.13 -10.90
CA GLY B 319 -16.02 11.28 -11.75
C GLY B 319 -14.97 11.48 -12.83
N TYR B 320 -13.70 11.26 -12.49
CA TYR B 320 -12.64 11.44 -13.46
C TYR B 320 -12.76 10.46 -14.63
N SER B 321 -13.09 9.20 -14.32
CA SER B 321 -13.23 8.19 -15.37
C SER B 321 -14.50 8.40 -16.17
N SER B 322 -15.51 9.03 -15.56
CA SER B 322 -16.64 9.50 -16.36
C SER B 322 -16.16 10.56 -17.36
N ARG B 323 -15.30 11.46 -16.90
CA ARG B 323 -14.79 12.52 -17.77
C ARG B 323 -13.95 12.00 -18.92
N VAL B 324 -13.19 10.91 -18.74
CA VAL B 324 -12.37 10.45 -19.86
C VAL B 324 -13.26 9.99 -21.02
N VAL B 325 -14.37 9.31 -20.72
CA VAL B 325 -15.21 8.85 -21.83
C VAL B 325 -16.05 9.99 -22.37
N ASP B 326 -16.40 10.97 -21.52
CA ASP B 326 -17.04 12.18 -22.01
C ASP B 326 -16.13 12.89 -23.01
N LEU B 327 -14.83 12.92 -22.74
CA LEU B 327 -13.87 13.51 -23.66
C LEU B 327 -13.79 12.73 -24.97
N ILE B 328 -13.70 11.40 -24.86
CA ILE B 328 -13.55 10.59 -26.07
C ILE B 328 -14.73 10.79 -27.01
N VAL B 329 -15.94 10.98 -26.47
CA VAL B 329 -17.09 11.17 -27.37
C VAL B 329 -17.00 12.54 -28.06
N HIS B 330 -16.54 13.57 -27.32
CA HIS B 330 -16.34 14.87 -27.95
C HIS B 330 -15.36 14.80 -29.10
N MET B 331 -14.34 13.94 -29.00
CA MET B 331 -13.37 13.93 -30.09
C MET B 331 -13.83 13.04 -31.25
N SER B 332 -14.52 11.93 -30.94
CA SER B 332 -15.37 11.27 -31.92
C SER B 332 -16.07 12.27 -32.84
N LYS B 333 -16.90 13.14 -32.25
CA LYS B 333 -17.72 14.04 -33.08
C LYS B 333 -16.88 15.13 -33.72
N ALA B 334 -16.20 15.94 -32.91
CA ALA B 334 -15.45 17.10 -33.39
C ALA B 334 -14.37 16.71 -34.40
#